data_2CCH
#
_entry.id   2CCH
#
_cell.length_a   74.535
_cell.length_b   114.483
_cell.length_c   181.299
_cell.angle_alpha   90.00
_cell.angle_beta   90.00
_cell.angle_gamma   90.00
#
_symmetry.space_group_name_H-M   'P 21 21 21'
#
loop_
_entity.id
_entity.type
_entity.pdbx_description
1 polymer 'CELL DIVISION PROTEIN KINASE 2'
2 polymer 'CYCLIN A2'
3 polymer 'CELL DIVISION CONTROL PROTEIN 6 HOMOLOG'
4 non-polymer "ADENOSINE-5'-TRIPHOSPHATE"
5 non-polymer 'SULFATE ION'
6 non-polymer GLYCEROL
7 water water
#
loop_
_entity_poly.entity_id
_entity_poly.type
_entity_poly.pdbx_seq_one_letter_code
_entity_poly.pdbx_strand_id
1 'polypeptide(L)'
;SMENFQKVEKIGEGTYGVVYKARNKLTGEVVALKKIRLDTETEGVPSTAIREISLLKELNHPNIVKLLDVIHTENKLYLV
FEFLHQDLKKFMDASALTGIPLPLIKSYLFQLLQGLAFCHSHRVLHRDLKPQNLLINTEGAIKLADFGLARAFGVPVRTY
(TPO)HEVVTLWYRAPEILLGCKYYSTAVDIWSLGCIFAEMVTRRALFPGDSEIDQLFRIFRTLGTPDEVVWPGVTSMPD
YKPSFPKWARQDFSKVVPPLDEDGRSLLSQMLHYDPNKRISAKAALAHPFFQDVTKPVPHLRL
;
A,C
2 'polypeptide(L)'
;NEVPDYHEDIHTYLREMEVKCKPKVGYMKKQPDITNSMRAILVDWLVEVGEEYKLQNETLHLAVNYIDRFLSSMSVLRGK
LQLVGTAAMLLASKFEEIYPPEVAEFVYITDDTYTKKQVLRMEHLVLKVLTFDLAAPTVNQFLTQYFLHQQPANCKVESL
AMFLGELSLIDADPYLKYLPSVIAGAAFHLALYTVTGQSWPESLIRKTGYTLESLKPCLMDLHQTYLKAPQHAQQSIREK
YKNSKYHGVSLLNPPETLNL
;
B,D
3 'polypeptide(L)' HTLKGRRLVFDN E,F
#
# COMPACT_ATOMS: atom_id res chain seq x y z
N SER A 1 -5.50 -13.94 14.92
CA SER A 1 -5.76 -13.29 13.60
C SER A 1 -6.88 -13.96 12.81
N MET A 2 -7.35 -15.12 13.28
CA MET A 2 -8.42 -15.87 12.64
C MET A 2 -9.74 -15.83 13.40
N GLU A 3 -9.77 -14.99 14.43
CA GLU A 3 -10.92 -14.82 15.32
C GLU A 3 -12.21 -14.50 14.57
N ASN A 4 -12.08 -13.73 13.49
CA ASN A 4 -13.26 -13.29 12.76
C ASN A 4 -13.76 -14.28 11.71
N PHE A 5 -13.16 -15.48 11.62
CA PHE A 5 -13.68 -16.53 10.73
C PHE A 5 -14.33 -17.68 11.46
N GLN A 6 -15.52 -18.06 11.01
CA GLN A 6 -16.22 -19.23 11.49
C GLN A 6 -16.08 -20.30 10.40
N LYS A 7 -15.39 -21.39 10.71
CA LYS A 7 -15.27 -22.52 9.77
C LYS A 7 -16.66 -23.17 9.68
N VAL A 8 -17.08 -23.49 8.46
CA VAL A 8 -18.40 -24.04 8.17
C VAL A 8 -18.22 -25.51 7.79
N GLU A 9 -17.20 -25.82 7.00
CA GLU A 9 -16.89 -27.21 6.67
C GLU A 9 -15.54 -27.39 6.01
N LYS A 10 -14.95 -28.57 6.23
CA LYS A 10 -13.73 -28.96 5.54
C LYS A 10 -14.18 -29.34 4.16
N ILE A 11 -13.60 -28.71 3.16
CA ILE A 11 -13.94 -29.04 1.80
C ILE A 11 -12.81 -29.71 1.06
N GLY A 12 -11.62 -29.79 1.66
CA GLY A 12 -10.52 -30.49 1.02
C GLY A 12 -9.33 -30.68 1.92
N GLU A 13 -8.55 -31.73 1.65
CA GLU A 13 -7.30 -31.93 2.35
C GLU A 13 -6.35 -32.69 1.44
N GLY A 14 -5.08 -32.41 1.59
CA GLY A 14 -4.03 -33.12 0.88
C GLY A 14 -2.74 -32.88 1.62
N THR A 15 -1.65 -33.39 1.05
CA THR A 15 -0.33 -33.17 1.63
C THR A 15 -0.08 -31.65 1.86
N TYR A 16 -0.48 -30.85 0.88
CA TYR A 16 -0.34 -29.40 0.91
C TYR A 16 -0.90 -28.72 2.18
N GLY A 17 -1.98 -29.29 2.74
CA GLY A 17 -2.73 -28.64 3.82
C GLY A 17 -4.22 -28.99 3.78
N VAL A 18 -5.05 -28.03 4.18
CA VAL A 18 -6.49 -28.26 4.30
C VAL A 18 -7.22 -27.03 3.78
N VAL A 19 -8.40 -27.23 3.18
CA VAL A 19 -9.22 -26.11 2.69
C VAL A 19 -10.59 -26.17 3.36
N TYR A 20 -11.02 -25.04 3.92
CA TYR A 20 -12.32 -24.92 4.57
C TYR A 20 -13.18 -23.90 3.83
N LYS A 21 -14.47 -24.14 3.84
CA LYS A 21 -15.48 -23.10 3.66
C LYS A 21 -15.61 -22.39 5.01
N ALA A 22 -15.59 -21.07 5.00
CA ALA A 22 -15.71 -20.30 6.24
C ALA A 22 -16.48 -19.03 5.98
N ARG A 23 -16.88 -18.36 7.06
CA ARG A 23 -17.55 -17.09 6.92
C ARG A 23 -16.98 -16.07 7.89
N ASN A 24 -16.91 -14.86 7.36
CA ASN A 24 -16.49 -13.68 8.12
C ASN A 24 -17.62 -13.33 9.08
N LYS A 25 -17.32 -13.45 10.37
CA LYS A 25 -18.27 -13.19 11.45
C LYS A 25 -18.85 -11.77 11.47
N LEU A 26 -18.03 -10.81 11.04
CA LEU A 26 -18.40 -9.40 11.05
C LEU A 26 -19.10 -8.92 9.79
N THR A 27 -18.69 -9.40 8.63
CA THR A 27 -19.23 -8.90 7.36
C THR A 27 -20.20 -9.87 6.68
N GLY A 28 -20.18 -11.14 7.08
CA GLY A 28 -20.93 -12.22 6.44
C GLY A 28 -20.33 -12.85 5.19
N GLU A 29 -19.22 -12.31 4.70
CA GLU A 29 -18.59 -12.79 3.50
C GLU A 29 -18.18 -14.22 3.65
N VAL A 30 -18.56 -15.05 2.67
CA VAL A 30 -18.16 -16.44 2.62
C VAL A 30 -16.80 -16.55 1.88
N VAL A 31 -15.91 -17.33 2.45
CA VAL A 31 -14.53 -17.48 1.91
C VAL A 31 -14.11 -18.94 1.85
N ALA A 32 -13.08 -19.22 1.09
CA ALA A 32 -12.37 -20.47 1.16
C ALA A 32 -11.04 -20.18 1.87
N LEU A 33 -10.75 -20.93 2.92
CA LEU A 33 -9.51 -20.77 3.67
C LEU A 33 -8.61 -21.95 3.41
N LYS A 34 -7.43 -21.70 2.90
CA LYS A 34 -6.43 -22.73 2.71
C LYS A 34 -5.44 -22.59 3.82
N LYS A 35 -5.35 -23.62 4.67
CA LYS A 35 -4.46 -23.61 5.81
C LYS A 35 -3.21 -24.41 5.51
N ILE A 36 -2.05 -23.76 5.69
CA ILE A 36 -0.74 -24.45 5.61
C ILE A 36 -0.12 -24.55 7.00
N ARG A 37 0.22 -25.78 7.42
CA ARG A 37 0.93 -25.95 8.69
C ARG A 37 2.41 -25.71 8.40
N LEU A 38 3.03 -24.87 9.21
CA LEU A 38 4.42 -24.47 8.99
C LEU A 38 5.36 -25.32 9.83
N ASP A 39 4.81 -25.91 10.89
CA ASP A 39 5.59 -26.80 11.79
C ASP A 39 5.71 -28.24 11.27
N THR A 40 5.19 -28.52 10.08
CA THR A 40 5.22 -29.86 9.49
C THR A 40 6.56 -30.18 8.82
N GLU A 41 7.03 -29.33 7.91
CA GLU A 41 8.36 -29.52 7.28
C GLU A 41 9.47 -28.66 7.88
N THR A 42 9.11 -27.58 8.56
CA THR A 42 10.13 -26.71 9.13
C THR A 42 11.23 -26.33 8.06
N GLU A 43 10.77 -25.99 6.87
CA GLU A 43 11.64 -25.33 5.91
C GLU A 43 11.07 -23.94 5.71
N GLY A 44 10.21 -23.49 6.62
CA GLY A 44 9.64 -22.16 6.49
C GLY A 44 8.47 -22.17 5.51
N VAL A 45 8.20 -21.03 4.91
CA VAL A 45 7.03 -20.90 4.04
C VAL A 45 7.33 -21.72 2.75
N PRO A 46 6.44 -22.66 2.39
CA PRO A 46 6.75 -23.47 1.22
C PRO A 46 6.82 -22.66 -0.09
N SER A 47 7.67 -23.10 -1.03
N SER A 47 7.70 -23.12 -0.96
N SER A 47 7.68 -23.10 -1.00
CA SER A 47 7.78 -22.47 -2.37
CA SER A 47 7.94 -22.55 -2.27
CA SER A 47 7.81 -22.48 -2.32
C SER A 47 6.42 -22.30 -3.00
C SER A 47 6.65 -22.43 -3.07
C SER A 47 6.49 -22.47 -3.06
N THR A 48 5.64 -23.36 -2.94
N THR A 48 5.74 -23.38 -2.86
CA THR A 48 4.35 -23.33 -3.60
CA THR A 48 4.44 -23.37 -3.57
C THR A 48 3.56 -22.13 -3.14
C THR A 48 3.49 -22.24 -3.11
N ALA A 49 3.55 -21.90 -1.83
CA ALA A 49 2.78 -20.80 -1.25
C ALA A 49 3.39 -19.47 -1.66
N ILE A 50 4.71 -19.39 -1.63
CA ILE A 50 5.36 -18.14 -2.04
C ILE A 50 4.98 -17.75 -3.48
N ARG A 51 5.01 -18.74 -4.36
CA ARG A 51 4.61 -18.55 -5.76
C ARG A 51 3.13 -18.24 -5.88
N GLU A 52 2.31 -19.05 -5.24
CA GLU A 52 0.87 -18.85 -5.38
C GLU A 52 0.44 -17.44 -4.97
N ILE A 53 0.96 -16.96 -3.84
CA ILE A 53 0.55 -15.68 -3.31
C ILE A 53 1.12 -14.56 -4.20
N SER A 54 2.44 -14.61 -4.42
CA SER A 54 3.11 -13.53 -5.21
C SER A 54 2.50 -13.36 -6.61
N LEU A 55 2.17 -14.48 -7.25
CA LEU A 55 1.66 -14.45 -8.61
C LEU A 55 0.19 -14.10 -8.64
N LEU A 56 -0.62 -14.64 -7.73
CA LEU A 56 -2.03 -14.21 -7.67
C LEU A 56 -2.26 -12.71 -7.42
N LYS A 57 -1.36 -12.08 -6.67
CA LYS A 57 -1.45 -10.64 -6.39
C LYS A 57 -1.28 -9.83 -7.68
N GLU A 58 -0.65 -10.43 -8.69
CA GLU A 58 -0.48 -9.83 -10.02
C GLU A 58 -1.46 -10.33 -11.04
N LEU A 59 -2.47 -11.06 -10.60
CA LEU A 59 -3.42 -11.66 -11.51
C LEU A 59 -4.85 -11.33 -11.16
N ASN A 60 -5.13 -10.04 -11.05
CA ASN A 60 -6.52 -9.56 -10.82
C ASN A 60 -7.29 -9.54 -12.13
N HIS A 61 -8.25 -10.47 -12.26
CA HIS A 61 -9.00 -10.63 -13.49
C HIS A 61 -10.28 -11.36 -13.16
N PRO A 62 -11.35 -11.09 -13.90
CA PRO A 62 -12.66 -11.72 -13.59
C PRO A 62 -12.72 -13.24 -13.69
N ASN A 63 -11.78 -13.84 -14.44
CA ASN A 63 -11.71 -15.28 -14.62
C ASN A 63 -10.53 -15.94 -13.90
N ILE A 64 -10.03 -15.24 -12.86
CA ILE A 64 -8.99 -15.81 -11.99
C ILE A 64 -9.46 -15.65 -10.58
N VAL A 65 -9.38 -16.73 -9.80
CA VAL A 65 -9.85 -16.68 -8.41
C VAL A 65 -9.15 -15.57 -7.63
N LYS A 66 -9.93 -14.86 -6.85
CA LYS A 66 -9.41 -13.77 -6.08
C LYS A 66 -8.80 -14.23 -4.75
N LEU A 67 -7.58 -13.78 -4.51
CA LEU A 67 -6.94 -13.90 -3.21
C LEU A 67 -7.29 -12.64 -2.38
N LEU A 68 -8.00 -12.86 -1.27
CA LEU A 68 -8.53 -11.79 -0.44
C LEU A 68 -7.59 -11.38 0.69
N ASP A 69 -6.82 -12.32 1.21
CA ASP A 69 -5.98 -12.06 2.38
C ASP A 69 -4.98 -13.20 2.56
N VAL A 70 -3.96 -12.90 3.34
CA VAL A 70 -2.96 -13.83 3.77
C VAL A 70 -2.69 -13.54 5.23
N ILE A 71 -2.81 -14.57 6.07
CA ILE A 71 -2.67 -14.41 7.51
C ILE A 71 -1.59 -15.40 7.92
N HIS A 72 -0.42 -14.87 8.29
CA HIS A 72 0.83 -15.64 8.42
C HIS A 72 1.04 -15.54 9.87
N THR A 73 0.58 -16.56 10.58
CA THR A 73 0.16 -16.49 11.99
C THR A 73 0.75 -17.63 12.78
N GLU A 74 2.00 -17.45 13.25
CA GLU A 74 2.66 -18.37 14.22
C GLU A 74 3.28 -19.62 13.57
N ASN A 75 2.54 -20.73 13.68
CA ASN A 75 2.85 -22.00 13.06
C ASN A 75 1.95 -22.26 11.86
N LYS A 76 1.13 -21.27 11.47
CA LYS A 76 0.21 -21.46 10.33
C LYS A 76 0.22 -20.30 9.33
N LEU A 77 -0.08 -20.62 8.10
CA LEU A 77 -0.26 -19.61 7.06
C LEU A 77 -1.58 -19.92 6.40
N TYR A 78 -2.48 -18.95 6.41
CA TYR A 78 -3.79 -19.08 5.81
C TYR A 78 -3.84 -18.18 4.57
N LEU A 79 -4.29 -18.74 3.45
CA LEU A 79 -4.65 -17.98 2.27
C LEU A 79 -6.18 -17.91 2.23
N VAL A 80 -6.70 -16.71 2.08
CA VAL A 80 -8.14 -16.46 2.14
C VAL A 80 -8.55 -16.10 0.72
N PHE A 81 -9.44 -16.91 0.14
N PHE A 81 -9.44 -16.92 0.14
CA PHE A 81 -9.93 -16.70 -1.20
CA PHE A 81 -9.91 -16.73 -1.23
C PHE A 81 -11.42 -16.33 -1.17
C PHE A 81 -11.43 -16.49 -1.25
N GLU A 82 -11.89 -15.77 -2.26
CA GLU A 82 -13.32 -15.75 -2.54
C GLU A 82 -13.81 -17.20 -2.65
N PHE A 83 -15.06 -17.39 -2.31
CA PHE A 83 -15.69 -18.71 -2.36
C PHE A 83 -16.53 -18.85 -3.63
N LEU A 84 -16.31 -19.90 -4.37
CA LEU A 84 -17.16 -20.22 -5.55
C LEU A 84 -17.90 -21.54 -5.35
N HIS A 85 -19.10 -21.63 -5.92
CA HIS A 85 -20.02 -22.70 -5.70
C HIS A 85 -19.41 -24.09 -5.76
N GLN A 86 -18.78 -24.39 -6.87
CA GLN A 86 -18.19 -25.71 -7.07
C GLN A 86 -17.20 -25.73 -8.18
N ASP A 87 -16.51 -26.85 -8.32
CA ASP A 87 -15.55 -27.01 -9.41
C ASP A 87 -16.20 -27.67 -10.66
N LEU A 88 -15.51 -27.51 -11.78
CA LEU A 88 -15.98 -27.99 -13.08
C LEU A 88 -16.15 -29.50 -13.08
N LYS A 89 -15.28 -30.21 -12.38
CA LYS A 89 -15.39 -31.69 -12.35
C LYS A 89 -16.71 -32.13 -11.73
N LYS A 90 -17.05 -31.54 -10.61
CA LYS A 90 -18.30 -31.84 -9.91
C LYS A 90 -19.51 -31.53 -10.81
N PHE A 91 -19.42 -30.40 -11.49
CA PHE A 91 -20.48 -29.98 -12.42
C PHE A 91 -20.66 -31.00 -13.56
N MET A 92 -19.56 -31.45 -14.14
CA MET A 92 -19.62 -32.42 -15.24
C MET A 92 -20.17 -33.75 -14.76
N ASP A 93 -19.72 -34.18 -13.59
CA ASP A 93 -20.21 -35.45 -13.03
C ASP A 93 -21.71 -35.38 -12.76
N ALA A 94 -22.18 -34.25 -12.26
CA ALA A 94 -23.61 -34.03 -12.06
C ALA A 94 -24.35 -33.99 -13.38
N SER A 95 -23.66 -33.64 -14.46
CA SER A 95 -24.22 -33.64 -15.84
C SER A 95 -23.74 -34.87 -16.63
N ALA A 96 -23.28 -35.94 -15.98
CA ALA A 96 -22.72 -37.12 -16.71
C ALA A 96 -23.71 -37.65 -17.81
N LEU A 97 -25.01 -37.54 -17.55
CA LEU A 97 -26.05 -38.14 -18.40
C LEU A 97 -26.80 -37.14 -19.29
N THR A 98 -27.00 -35.92 -18.80
CA THR A 98 -27.63 -34.85 -19.58
C THR A 98 -26.63 -34.08 -20.45
N GLY A 99 -25.43 -33.90 -19.92
CA GLY A 99 -24.48 -33.10 -20.61
C GLY A 99 -24.70 -31.62 -20.51
N ILE A 100 -23.74 -30.88 -21.02
CA ILE A 100 -23.66 -29.46 -20.79
C ILE A 100 -24.02 -28.81 -22.10
N PRO A 101 -24.97 -27.89 -22.08
CA PRO A 101 -25.37 -27.26 -23.33
C PRO A 101 -24.23 -26.51 -24.00
N LEU A 102 -24.18 -26.59 -25.32
CA LEU A 102 -23.09 -25.95 -26.06
C LEU A 102 -22.88 -24.49 -25.74
N PRO A 103 -23.95 -23.69 -25.60
CA PRO A 103 -23.70 -22.28 -25.27
C PRO A 103 -22.92 -22.13 -23.96
N LEU A 104 -23.14 -23.02 -22.99
CA LEU A 104 -22.42 -22.91 -21.74
C LEU A 104 -20.96 -23.40 -21.89
N ILE A 105 -20.76 -24.49 -22.61
CA ILE A 105 -19.42 -24.97 -22.93
C ILE A 105 -18.61 -23.84 -23.59
N LYS A 106 -19.24 -23.19 -24.56
CA LYS A 106 -18.61 -22.11 -25.29
C LYS A 106 -18.24 -20.91 -24.38
N SER A 107 -19.20 -20.49 -23.57
CA SER A 107 -18.97 -19.41 -22.60
C SER A 107 -17.82 -19.76 -21.65
N TYR A 108 -17.91 -20.95 -21.08
CA TYR A 108 -16.81 -21.43 -20.22
C TYR A 108 -15.44 -21.40 -20.90
N LEU A 109 -15.37 -21.92 -22.12
CA LEU A 109 -14.09 -21.97 -22.82
C LEU A 109 -13.61 -20.53 -23.09
N PHE A 110 -14.51 -19.65 -23.52
CA PHE A 110 -14.16 -18.25 -23.81
C PHE A 110 -13.59 -17.58 -22.57
N GLN A 111 -14.24 -17.83 -21.43
CA GLN A 111 -13.82 -17.25 -20.14
C GLN A 111 -12.46 -17.79 -19.70
N LEU A 112 -12.30 -19.09 -19.83
CA LEU A 112 -11.03 -19.74 -19.49
C LEU A 112 -9.88 -19.17 -20.34
N LEU A 113 -10.11 -19.01 -21.63
CA LEU A 113 -9.14 -18.43 -22.53
C LEU A 113 -8.80 -16.99 -22.13
N GLN A 114 -9.81 -16.20 -21.70
CA GLN A 114 -9.55 -14.83 -21.24
C GLN A 114 -8.63 -14.84 -20.01
N GLY A 115 -8.93 -15.72 -19.07
CA GLY A 115 -8.14 -15.76 -17.85
C GLY A 115 -6.74 -16.27 -18.16
N LEU A 116 -6.65 -17.27 -19.00
CA LEU A 116 -5.34 -17.85 -19.37
C LEU A 116 -4.44 -16.85 -20.15
N ALA A 117 -5.02 -16.16 -21.12
CA ALA A 117 -4.31 -15.15 -21.87
C ALA A 117 -3.73 -14.10 -20.89
N PHE A 118 -4.53 -13.73 -19.90
CA PHE A 118 -4.10 -12.72 -18.88
C PHE A 118 -2.88 -13.27 -18.14
N CYS A 119 -2.96 -14.52 -17.73
CA CYS A 119 -1.81 -15.17 -17.04
C CYS A 119 -0.55 -15.09 -17.92
N HIS A 120 -0.70 -15.53 -19.17
CA HIS A 120 0.42 -15.66 -20.09
C HIS A 120 1.03 -14.29 -20.39
N SER A 121 0.15 -13.29 -20.56
N SER A 121 0.17 -13.29 -20.58
CA SER A 121 0.59 -11.89 -20.78
CA SER A 121 0.65 -11.91 -20.80
C SER A 121 1.24 -11.23 -19.55
C SER A 121 1.40 -11.32 -19.58
N HIS A 122 1.13 -11.89 -18.41
CA HIS A 122 1.77 -11.50 -17.16
C HIS A 122 2.88 -12.51 -16.75
N ARG A 123 3.40 -13.24 -17.74
CA ARG A 123 4.51 -14.19 -17.61
C ARG A 123 4.29 -15.22 -16.51
N VAL A 124 3.04 -15.72 -16.43
CA VAL A 124 2.76 -16.80 -15.52
C VAL A 124 2.30 -18.05 -16.25
N LEU A 125 2.96 -19.19 -15.95
CA LEU A 125 2.47 -20.52 -16.37
C LEU A 125 1.64 -21.12 -15.25
N HIS A 126 0.46 -21.64 -15.56
CA HIS A 126 -0.37 -22.26 -14.55
C HIS A 126 0.13 -23.68 -14.17
N ARG A 127 0.21 -24.53 -15.19
CA ARG A 127 0.84 -25.87 -15.12
C ARG A 127 0.04 -26.90 -14.30
N ASP A 128 -1.24 -26.62 -14.02
CA ASP A 128 -2.08 -27.68 -13.45
C ASP A 128 -3.53 -27.46 -13.79
N LEU A 129 -3.78 -27.11 -15.04
CA LEU A 129 -5.16 -26.97 -15.48
C LEU A 129 -5.84 -28.32 -15.66
N LYS A 130 -6.93 -28.49 -14.97
CA LYS A 130 -7.75 -29.69 -14.98
C LYS A 130 -9.10 -29.26 -14.37
N PRO A 131 -10.14 -30.01 -14.64
CA PRO A 131 -11.51 -29.51 -14.24
C PRO A 131 -11.65 -29.26 -12.74
N GLN A 132 -10.95 -30.04 -11.91
CA GLN A 132 -10.94 -29.87 -10.47
C GLN A 132 -10.41 -28.48 -10.00
N ASN A 133 -9.62 -27.83 -10.84
CA ASN A 133 -9.00 -26.53 -10.56
C ASN A 133 -9.67 -25.35 -11.26
N LEU A 134 -10.87 -25.60 -11.79
CA LEU A 134 -11.69 -24.56 -12.43
C LEU A 134 -12.97 -24.43 -11.62
N LEU A 135 -13.24 -23.22 -11.14
CA LEU A 135 -14.35 -22.96 -10.23
C LEU A 135 -15.44 -22.19 -10.92
N ILE A 136 -16.68 -22.61 -10.68
CA ILE A 136 -17.85 -21.95 -11.24
C ILE A 136 -18.75 -21.35 -10.18
N ASN A 137 -19.45 -20.27 -10.55
CA ASN A 137 -20.48 -19.72 -9.66
C ASN A 137 -21.87 -19.93 -10.24
N THR A 138 -22.91 -19.47 -9.53
CA THR A 138 -24.27 -19.69 -9.98
C THR A 138 -24.66 -18.78 -11.15
N GLU A 139 -23.91 -17.69 -11.32
CA GLU A 139 -24.17 -16.67 -12.32
C GLU A 139 -23.54 -16.88 -13.68
N GLY A 140 -22.78 -17.96 -13.87
CA GLY A 140 -22.31 -18.28 -15.19
C GLY A 140 -20.82 -18.03 -15.37
N ALA A 141 -20.15 -17.61 -14.30
CA ALA A 141 -18.70 -17.36 -14.36
C ALA A 141 -17.93 -18.66 -14.13
N ILE A 142 -16.77 -18.74 -14.74
CA ILE A 142 -15.77 -19.76 -14.44
C ILE A 142 -14.43 -19.08 -14.23
N LYS A 143 -13.65 -19.62 -13.29
CA LYS A 143 -12.38 -19.00 -12.94
C LYS A 143 -11.28 -20.04 -12.79
N LEU A 144 -10.09 -19.66 -13.25
CA LEU A 144 -8.88 -20.43 -12.96
C LEU A 144 -8.55 -20.37 -11.48
N ALA A 145 -8.22 -21.54 -10.92
CA ALA A 145 -7.85 -21.59 -9.51
C ALA A 145 -6.64 -22.52 -9.31
N ASP A 146 -6.20 -22.62 -8.06
N ASP A 146 -6.26 -22.64 -8.04
CA ASP A 146 -5.16 -23.59 -7.68
CA ASP A 146 -5.13 -23.45 -7.58
C ASP A 146 -3.83 -23.26 -8.36
C ASP A 146 -3.85 -23.22 -8.36
N PHE A 147 -3.28 -22.09 -8.03
CA PHE A 147 -1.99 -21.62 -8.60
C PHE A 147 -0.76 -22.13 -7.81
N GLY A 148 -0.93 -23.16 -6.99
CA GLY A 148 0.23 -23.65 -6.22
C GLY A 148 1.35 -24.23 -7.08
N LEU A 149 1.03 -24.67 -8.29
CA LEU A 149 2.00 -25.25 -9.19
C LEU A 149 2.45 -24.26 -10.28
N ALA A 150 2.03 -22.99 -10.15
CA ALA A 150 2.39 -21.99 -11.12
C ALA A 150 3.83 -21.50 -10.99
N ARG A 151 4.29 -20.83 -12.03
CA ARG A 151 5.61 -20.17 -12.01
C ARG A 151 5.73 -18.98 -12.93
N ALA A 152 6.51 -17.99 -12.50
CA ALA A 152 6.81 -16.87 -13.37
C ALA A 152 7.86 -17.32 -14.38
N PHE A 153 7.58 -17.13 -15.66
CA PHE A 153 8.52 -17.54 -16.67
C PHE A 153 9.24 -16.34 -17.26
N GLY A 154 10.31 -16.65 -17.96
CA GLY A 154 11.16 -15.63 -18.58
C GLY A 154 11.05 -15.63 -20.08
N VAL A 155 11.59 -14.60 -20.70
CA VAL A 155 11.67 -14.48 -22.15
C VAL A 155 13.17 -14.45 -22.56
N PRO A 156 13.67 -15.51 -23.25
CA PRO A 156 12.99 -16.75 -23.55
C PRO A 156 13.01 -17.64 -22.28
N VAL A 157 12.30 -18.78 -22.29
CA VAL A 157 12.25 -19.61 -21.11
C VAL A 157 13.57 -20.31 -20.89
N ARG A 158 13.80 -20.66 -19.62
CA ARG A 158 14.85 -21.62 -19.22
C ARG A 158 14.18 -22.95 -18.96
N THR A 159 15.00 -23.96 -18.67
CA THR A 159 14.43 -25.25 -18.22
C THR A 159 13.78 -25.10 -16.82
N TYR A 160 12.57 -25.60 -16.68
CA TYR A 160 11.85 -25.52 -15.42
C TYR A 160 11.61 -26.97 -14.95
N HIS A 162 10.37 -30.53 -14.38
CA HIS A 162 9.81 -31.51 -15.36
C HIS A 162 8.53 -32.18 -14.86
N GLU A 163 8.40 -32.31 -13.54
CA GLU A 163 7.22 -32.97 -12.92
C GLU A 163 6.05 -32.05 -12.76
N VAL A 164 5.44 -31.71 -13.92
CA VAL A 164 4.36 -30.81 -13.97
C VAL A 164 3.21 -31.31 -14.86
N VAL A 165 2.04 -30.81 -14.47
CA VAL A 165 0.72 -31.10 -15.02
C VAL A 165 0.27 -32.54 -14.68
N THR A 166 -0.96 -32.66 -14.22
CA THR A 166 -1.62 -33.93 -13.93
C THR A 166 -1.58 -34.75 -15.25
N LEU A 167 -1.28 -36.04 -15.14
CA LEU A 167 -0.97 -36.88 -16.30
C LEU A 167 -1.98 -36.71 -17.45
N TRP A 168 -3.26 -36.84 -17.17
CA TRP A 168 -4.28 -36.79 -18.26
C TRP A 168 -4.28 -35.49 -19.07
N TYR A 169 -3.73 -34.43 -18.48
CA TYR A 169 -3.77 -33.10 -19.07
C TYR A 169 -2.38 -32.61 -19.52
N ARG A 170 -1.40 -33.52 -19.48
CA ARG A 170 0.02 -33.18 -19.70
C ARG A 170 0.37 -33.20 -21.19
N ALA A 171 0.98 -32.12 -21.65
CA ALA A 171 1.33 -31.90 -23.05
C ALA A 171 2.41 -32.90 -23.54
N PRO A 172 2.40 -33.20 -24.84
CA PRO A 172 3.39 -34.21 -25.35
C PRO A 172 4.87 -33.75 -25.21
N GLU A 173 5.11 -32.45 -25.20
CA GLU A 173 6.50 -31.94 -25.08
C GLU A 173 7.03 -32.21 -23.68
N ILE A 174 6.12 -32.28 -22.70
CA ILE A 174 6.51 -32.65 -21.34
C ILE A 174 6.79 -34.17 -21.31
N LEU A 175 5.83 -34.95 -21.76
CA LEU A 175 5.99 -36.40 -21.82
C LEU A 175 7.27 -36.82 -22.55
N LEU A 176 7.66 -36.08 -23.59
CA LEU A 176 8.82 -36.43 -24.38
C LEU A 176 10.12 -35.81 -23.88
N GLY A 177 10.04 -35.13 -22.74
CA GLY A 177 11.21 -34.65 -22.00
C GLY A 177 11.95 -33.46 -22.61
N CYS A 178 11.24 -32.62 -23.37
N CYS A 178 11.22 -32.62 -23.37
CA CYS A 178 11.86 -31.47 -24.00
CA CYS A 178 11.77 -31.41 -23.96
C CYS A 178 12.54 -30.57 -22.98
C CYS A 178 12.57 -30.60 -22.94
N LYS A 179 13.72 -30.04 -23.36
CA LYS A 179 14.46 -29.14 -22.51
C LYS A 179 13.65 -27.92 -22.05
N TYR A 180 12.81 -27.43 -22.95
CA TYR A 180 12.04 -26.22 -22.73
C TYR A 180 10.55 -26.48 -23.00
N TYR A 181 9.72 -25.90 -22.16
CA TYR A 181 8.29 -25.82 -22.39
C TYR A 181 7.84 -24.43 -21.92
N SER A 182 6.67 -24.02 -22.40
CA SER A 182 6.16 -22.73 -22.03
C SER A 182 4.63 -22.71 -22.05
N THR A 183 4.06 -21.55 -22.44
CA THR A 183 2.65 -21.32 -22.39
C THR A 183 1.79 -22.36 -23.12
N ALA A 184 2.39 -22.95 -24.15
CA ALA A 184 1.65 -24.01 -24.95
C ALA A 184 1.14 -25.17 -24.06
N VAL A 185 1.86 -25.46 -22.98
CA VAL A 185 1.44 -26.56 -22.08
C VAL A 185 0.06 -26.31 -21.49
N ASP A 186 -0.22 -25.05 -21.18
CA ASP A 186 -1.51 -24.69 -20.59
C ASP A 186 -2.62 -24.76 -21.66
N ILE A 187 -2.32 -24.37 -22.88
CA ILE A 187 -3.26 -24.51 -23.99
C ILE A 187 -3.62 -25.97 -24.25
N TRP A 188 -2.62 -26.85 -24.20
CA TRP A 188 -2.86 -28.31 -24.34
C TRP A 188 -3.88 -28.76 -23.31
N SER A 189 -3.62 -28.45 -22.03
CA SER A 189 -4.54 -28.76 -20.94
C SER A 189 -5.97 -28.25 -21.20
N LEU A 190 -6.05 -27.01 -21.65
CA LEU A 190 -7.34 -26.39 -21.91
C LEU A 190 -8.06 -27.10 -23.10
N GLY A 191 -7.30 -27.55 -24.09
CA GLY A 191 -7.88 -28.34 -25.19
C GLY A 191 -8.50 -29.63 -24.67
N CYS A 192 -7.72 -30.32 -23.84
CA CYS A 192 -8.24 -31.51 -23.17
C CYS A 192 -9.53 -31.22 -22.38
N ILE A 193 -9.58 -30.11 -21.67
CA ILE A 193 -10.76 -29.73 -20.88
C ILE A 193 -11.96 -29.40 -21.77
N PHE A 194 -11.71 -28.70 -22.87
CA PHE A 194 -12.74 -28.38 -23.88
C PHE A 194 -13.40 -29.71 -24.32
N ALA A 195 -12.58 -30.65 -24.75
CA ALA A 195 -13.08 -31.98 -25.15
C ALA A 195 -13.92 -32.61 -24.04
N GLU A 196 -13.39 -32.58 -22.80
CA GLU A 196 -14.03 -33.20 -21.66
C GLU A 196 -15.40 -32.53 -21.32
N MET A 197 -15.52 -31.24 -21.57
CA MET A 197 -16.82 -30.59 -21.38
C MET A 197 -17.87 -31.13 -22.35
N VAL A 198 -17.45 -31.45 -23.57
CA VAL A 198 -18.34 -31.95 -24.61
C VAL A 198 -18.77 -33.37 -24.34
N THR A 199 -17.87 -34.16 -23.75
CA THR A 199 -18.17 -35.59 -23.49
C THR A 199 -18.43 -36.02 -22.02
N ARG A 200 -18.02 -35.14 -21.09
CA ARG A 200 -17.96 -35.39 -19.65
C ARG A 200 -17.02 -36.53 -19.30
N ARG A 201 -16.17 -36.93 -20.25
CA ARG A 201 -15.11 -37.90 -19.97
C ARG A 201 -13.73 -37.39 -20.43
N ALA A 202 -12.70 -37.76 -19.71
CA ALA A 202 -11.34 -37.31 -20.02
C ALA A 202 -10.95 -37.80 -21.42
N LEU A 203 -10.35 -36.90 -22.21
CA LEU A 203 -9.92 -37.22 -23.59
C LEU A 203 -8.81 -38.31 -23.67
N PHE A 204 -7.84 -38.23 -22.75
CA PHE A 204 -6.65 -39.10 -22.73
C PHE A 204 -6.41 -39.64 -21.32
N PRO A 205 -7.18 -40.61 -20.88
CA PRO A 205 -7.08 -41.13 -19.48
C PRO A 205 -6.05 -42.25 -19.31
N GLY A 206 -4.78 -41.92 -19.51
CA GLY A 206 -3.72 -42.92 -19.42
C GLY A 206 -3.42 -43.32 -17.99
N ASP A 207 -2.74 -44.44 -17.87
CA ASP A 207 -2.35 -44.89 -16.54
C ASP A 207 -0.86 -44.99 -16.29
N SER A 208 -0.08 -44.57 -17.27
CA SER A 208 1.37 -44.43 -17.20
C SER A 208 1.80 -43.45 -18.27
N GLU A 209 3.05 -42.98 -18.22
CA GLU A 209 3.50 -42.03 -19.23
C GLU A 209 3.45 -42.63 -20.62
N ILE A 210 3.82 -43.92 -20.76
CA ILE A 210 3.85 -44.50 -22.11
C ILE A 210 2.42 -44.78 -22.55
N ASP A 211 1.57 -45.25 -21.65
CA ASP A 211 0.11 -45.45 -21.99
C ASP A 211 -0.51 -44.09 -22.42
N GLN A 212 -0.17 -42.99 -21.72
CA GLN A 212 -0.63 -41.64 -22.03
C GLN A 212 -0.17 -41.22 -23.46
N LEU A 213 1.12 -41.35 -23.74
N LEU A 213 1.11 -41.38 -23.71
CA LEU A 213 1.63 -41.03 -25.06
CA LEU A 213 1.67 -41.06 -24.99
C LEU A 213 0.95 -41.84 -26.16
C LEU A 213 0.99 -41.83 -26.14
N PHE A 214 0.79 -43.12 -25.93
CA PHE A 214 0.25 -44.02 -26.98
C PHE A 214 -1.22 -43.69 -27.20
N ARG A 215 -1.93 -43.32 -26.14
CA ARG A 215 -3.25 -42.83 -26.33
C ARG A 215 -3.36 -41.58 -27.22
N ILE A 216 -2.52 -40.63 -26.91
CA ILE A 216 -2.41 -39.42 -27.71
C ILE A 216 -2.08 -39.78 -29.20
N PHE A 217 -1.08 -40.65 -29.40
CA PHE A 217 -0.65 -41.01 -30.71
C PHE A 217 -1.80 -41.71 -31.48
N ARG A 218 -2.56 -42.53 -30.80
CA ARG A 218 -3.71 -43.19 -31.46
C ARG A 218 -4.84 -42.25 -31.84
N THR A 219 -4.91 -41.12 -31.17
CA THR A 219 -5.98 -40.13 -31.37
C THR A 219 -5.58 -39.12 -32.46
N LEU A 220 -4.30 -38.72 -32.44
CA LEU A 220 -3.80 -37.62 -33.27
C LEU A 220 -2.73 -38.03 -34.29
N GLY A 221 -2.38 -39.33 -34.30
CA GLY A 221 -1.30 -39.89 -35.09
C GLY A 221 0.03 -39.79 -34.34
N THR A 222 0.95 -40.72 -34.59
CA THR A 222 2.29 -40.57 -34.02
C THR A 222 3.00 -39.44 -34.79
N PRO A 223 3.48 -38.43 -34.07
CA PRO A 223 4.06 -37.28 -34.82
C PRO A 223 5.40 -37.70 -35.45
N ASP A 224 5.70 -37.14 -36.62
CA ASP A 224 6.97 -37.33 -37.30
C ASP A 224 7.61 -35.98 -37.52
N GLU A 225 8.78 -35.99 -38.17
CA GLU A 225 9.57 -34.75 -38.34
C GLU A 225 8.85 -33.70 -39.21
N VAL A 226 7.93 -34.11 -40.08
CA VAL A 226 7.16 -33.18 -40.87
C VAL A 226 6.15 -32.45 -40.01
N VAL A 227 5.36 -33.20 -39.23
CA VAL A 227 4.40 -32.52 -38.38
C VAL A 227 5.06 -31.78 -37.22
N TRP A 228 6.20 -32.30 -36.70
CA TRP A 228 6.83 -31.68 -35.53
C TRP A 228 8.35 -31.80 -35.64
N PRO A 229 8.96 -30.83 -36.32
CA PRO A 229 10.41 -30.87 -36.48
C PRO A 229 11.09 -30.97 -35.14
N GLY A 230 12.03 -31.91 -35.06
CA GLY A 230 12.76 -32.17 -33.86
C GLY A 230 12.21 -33.31 -33.04
N VAL A 231 10.98 -33.76 -33.32
CA VAL A 231 10.34 -34.71 -32.40
C VAL A 231 11.14 -36.00 -32.17
N THR A 232 11.74 -36.50 -33.24
CA THR A 232 12.47 -37.76 -33.17
C THR A 232 13.79 -37.70 -32.45
N SER A 233 14.23 -36.47 -32.13
N SER A 233 14.26 -36.52 -32.10
CA SER A 233 15.47 -36.19 -31.35
CA SER A 233 15.47 -36.45 -31.29
C SER A 233 15.18 -35.71 -29.94
C SER A 233 15.21 -35.99 -29.88
N MET A 234 13.93 -35.82 -29.50
CA MET A 234 13.60 -35.40 -28.15
C MET A 234 14.06 -36.44 -27.14
N PRO A 235 14.43 -35.97 -25.95
CA PRO A 235 15.11 -36.89 -24.99
C PRO A 235 14.40 -38.23 -24.69
N ASP A 236 13.08 -38.21 -24.58
CA ASP A 236 12.33 -39.38 -24.25
C ASP A 236 11.51 -39.90 -25.44
N TYR A 237 11.82 -39.40 -26.63
CA TYR A 237 11.30 -40.02 -27.85
C TYR A 237 12.07 -41.34 -28.07
N LYS A 238 11.37 -42.38 -28.43
CA LYS A 238 12.01 -43.69 -28.72
C LYS A 238 11.65 -44.18 -30.12
N PRO A 239 12.66 -44.59 -30.92
CA PRO A 239 12.48 -45.06 -32.29
C PRO A 239 11.51 -46.24 -32.39
N SER A 240 11.34 -46.96 -31.27
CA SER A 240 10.42 -48.10 -31.25
C SER A 240 8.95 -47.71 -31.23
N PHE A 241 8.63 -46.43 -30.91
CA PHE A 241 7.24 -46.04 -30.84
C PHE A 241 6.47 -46.48 -32.09
N PRO A 242 5.34 -47.18 -31.91
CA PRO A 242 4.51 -47.47 -33.08
C PRO A 242 4.10 -46.17 -33.80
N LYS A 243 3.99 -46.25 -35.11
CA LYS A 243 3.67 -45.09 -35.93
C LYS A 243 2.21 -45.19 -36.36
N TRP A 244 1.33 -44.70 -35.50
CA TRP A 244 -0.11 -44.73 -35.81
C TRP A 244 -0.46 -43.65 -36.84
N ALA A 245 -1.29 -44.02 -37.79
CA ALA A 245 -1.87 -43.08 -38.72
C ALA A 245 -2.74 -42.05 -37.95
N ARG A 246 -2.87 -40.86 -38.52
CA ARG A 246 -3.72 -39.80 -37.97
C ARG A 246 -5.14 -39.99 -38.51
N GLN A 247 -6.07 -40.32 -37.64
CA GLN A 247 -7.48 -40.46 -38.02
C GLN A 247 -8.05 -39.09 -38.37
N ASP A 248 -9.19 -39.12 -39.06
CA ASP A 248 -9.99 -37.92 -39.31
C ASP A 248 -10.22 -37.21 -37.97
N PHE A 249 -9.81 -35.95 -37.88
CA PHE A 249 -9.95 -35.19 -36.64
C PHE A 249 -11.37 -35.02 -36.15
N SER A 250 -12.32 -35.10 -37.06
CA SER A 250 -13.74 -35.03 -36.66
C SER A 250 -14.15 -36.15 -35.70
N LYS A 251 -13.37 -37.23 -35.68
CA LYS A 251 -13.62 -38.36 -34.82
C LYS A 251 -13.13 -38.19 -33.41
N VAL A 252 -12.33 -37.16 -33.19
CA VAL A 252 -11.71 -36.97 -31.86
C VAL A 252 -12.77 -36.64 -30.79
N VAL A 253 -13.62 -35.66 -31.12
CA VAL A 253 -14.75 -35.25 -30.32
C VAL A 253 -15.95 -35.14 -31.28
N PRO A 254 -16.59 -36.30 -31.58
CA PRO A 254 -17.57 -36.28 -32.67
C PRO A 254 -18.63 -35.16 -32.64
N PRO A 255 -19.19 -34.79 -31.47
CA PRO A 255 -20.22 -33.71 -31.46
C PRO A 255 -19.77 -32.31 -31.90
N LEU A 256 -18.45 -32.03 -31.93
CA LEU A 256 -17.99 -30.71 -32.31
C LEU A 256 -18.32 -30.42 -33.77
N ASP A 257 -18.83 -29.23 -33.98
CA ASP A 257 -19.08 -28.68 -35.31
C ASP A 257 -17.80 -28.21 -35.98
N GLU A 258 -17.92 -27.62 -37.17
CA GLU A 258 -16.76 -27.24 -37.95
C GLU A 258 -15.87 -26.25 -37.17
N ASP A 259 -16.50 -25.25 -36.59
CA ASP A 259 -15.72 -24.22 -35.86
C ASP A 259 -15.12 -24.82 -34.55
N GLY A 260 -15.90 -25.65 -33.84
CA GLY A 260 -15.40 -26.24 -32.61
C GLY A 260 -14.22 -27.17 -32.87
N ARG A 261 -14.32 -27.94 -33.95
CA ARG A 261 -13.27 -28.90 -34.33
C ARG A 261 -11.99 -28.14 -34.81
N SER A 262 -12.19 -27.02 -35.52
CA SER A 262 -11.11 -26.17 -35.93
C SER A 262 -10.34 -25.67 -34.70
N LEU A 263 -11.05 -25.16 -33.74
CA LEU A 263 -10.36 -24.56 -32.56
C LEU A 263 -9.67 -25.70 -31.78
N LEU A 264 -10.38 -26.81 -31.54
CA LEU A 264 -9.76 -27.90 -30.75
C LEU A 264 -8.48 -28.39 -31.45
N SER A 265 -8.51 -28.52 -32.79
CA SER A 265 -7.35 -29.00 -33.55
C SER A 265 -6.14 -28.09 -33.33
N GLN A 266 -6.40 -26.82 -33.21
CA GLN A 266 -5.33 -25.82 -33.01
C GLN A 266 -4.78 -25.80 -31.60
N MET A 267 -5.62 -26.18 -30.63
CA MET A 267 -5.25 -26.36 -29.24
C MET A 267 -4.40 -27.63 -29.02
N LEU A 268 -4.68 -28.66 -29.81
CA LEU A 268 -4.01 -29.95 -29.70
C LEU A 268 -2.94 -30.16 -30.77
N HIS A 269 -2.51 -29.07 -31.41
CA HIS A 269 -1.42 -29.14 -32.35
C HIS A 269 -0.17 -29.68 -31.67
N TYR A 270 0.52 -30.60 -32.31
CA TYR A 270 1.69 -31.19 -31.69
C TYR A 270 2.84 -30.21 -31.39
N ASP A 271 3.25 -29.48 -32.40
CA ASP A 271 4.42 -28.59 -32.29
C ASP A 271 4.02 -27.40 -31.41
N PRO A 272 4.59 -27.28 -30.21
CA PRO A 272 4.15 -26.21 -29.32
C PRO A 272 4.34 -24.85 -29.91
N ASN A 273 5.33 -24.65 -30.77
N ASN A 273 5.35 -24.71 -30.79
CA ASN A 273 5.55 -23.31 -31.30
CA ASN A 273 5.64 -23.44 -31.48
C ASN A 273 4.60 -22.98 -32.49
C ASN A 273 4.45 -22.97 -32.29
N LYS A 274 3.70 -23.93 -32.82
CA LYS A 274 2.59 -23.67 -33.75
C LYS A 274 1.16 -23.83 -33.12
N ARG A 275 1.09 -24.34 -31.89
CA ARG A 275 -0.15 -24.43 -31.15
C ARG A 275 -0.72 -23.04 -30.89
N ILE A 276 -2.03 -22.91 -31.04
CA ILE A 276 -2.69 -21.61 -30.91
C ILE A 276 -2.43 -21.00 -29.51
N SER A 277 -2.25 -19.69 -29.45
CA SER A 277 -2.22 -18.98 -28.17
C SER A 277 -3.66 -18.70 -27.63
N ALA A 278 -3.79 -18.49 -26.35
CA ALA A 278 -5.07 -18.09 -25.74
C ALA A 278 -5.55 -16.78 -26.36
N LYS A 279 -4.62 -15.82 -26.53
CA LYS A 279 -4.93 -14.55 -27.17
C LYS A 279 -5.58 -14.72 -28.53
N ALA A 280 -4.94 -15.52 -29.37
CA ALA A 280 -5.43 -15.75 -30.78
C ALA A 280 -6.70 -16.47 -30.77
N ALA A 281 -6.85 -17.39 -29.82
CA ALA A 281 -8.09 -18.20 -29.76
C ALA A 281 -9.34 -17.35 -29.51
N LEU A 282 -9.18 -16.22 -28.84
CA LEU A 282 -10.30 -15.34 -28.56
C LEU A 282 -10.99 -14.81 -29.84
N ALA A 283 -10.23 -14.73 -30.94
CA ALA A 283 -10.72 -14.26 -32.24
C ALA A 283 -11.22 -15.37 -33.13
N HIS A 284 -11.26 -16.61 -32.61
CA HIS A 284 -11.71 -17.73 -33.43
C HIS A 284 -13.21 -17.64 -33.67
N PRO A 285 -13.65 -17.97 -34.91
CA PRO A 285 -15.09 -17.90 -35.25
C PRO A 285 -16.01 -18.74 -34.33
N PHE A 286 -15.49 -19.73 -33.61
CA PHE A 286 -16.28 -20.52 -32.68
C PHE A 286 -17.01 -19.60 -31.71
N PHE A 287 -16.39 -18.47 -31.36
CA PHE A 287 -16.97 -17.57 -30.35
C PHE A 287 -17.87 -16.48 -30.94
N GLN A 288 -18.14 -16.53 -32.24
CA GLN A 288 -18.95 -15.48 -32.83
C GLN A 288 -20.31 -15.33 -32.10
N ASP A 289 -20.90 -16.45 -31.70
CA ASP A 289 -22.21 -16.41 -31.01
C ASP A 289 -22.16 -16.63 -29.50
N VAL A 290 -20.98 -16.40 -28.89
CA VAL A 290 -20.86 -16.63 -27.49
C VAL A 290 -21.77 -15.71 -26.64
N THR A 291 -22.34 -16.28 -25.59
CA THR A 291 -23.22 -15.58 -24.67
C THR A 291 -22.75 -15.94 -23.27
N LYS A 292 -23.45 -15.50 -22.23
CA LYS A 292 -23.11 -15.93 -20.87
C LYS A 292 -24.30 -16.63 -20.22
N PRO A 293 -24.54 -17.89 -20.58
CA PRO A 293 -25.70 -18.57 -19.97
C PRO A 293 -25.46 -18.84 -18.49
N VAL A 294 -26.54 -19.00 -17.72
CA VAL A 294 -26.45 -19.42 -16.33
C VAL A 294 -26.43 -20.98 -16.27
N PRO A 295 -25.54 -21.59 -15.46
CA PRO A 295 -25.60 -23.06 -15.34
C PRO A 295 -26.83 -23.53 -14.56
N HIS A 296 -27.21 -24.79 -14.81
CA HIS A 296 -28.29 -25.47 -14.09
C HIS A 296 -27.59 -26.25 -12.98
N LEU A 297 -27.60 -25.70 -11.77
CA LEU A 297 -26.94 -26.30 -10.61
C LEU A 297 -27.95 -26.95 -9.67
N ASN B 1 12.98 -19.03 -32.65
CA ASN B 1 13.07 -20.30 -31.84
C ASN B 1 11.75 -20.52 -31.06
N GLU B 2 11.71 -19.98 -29.84
CA GLU B 2 10.46 -19.80 -29.11
C GLU B 2 9.54 -18.82 -29.83
N VAL B 3 8.27 -19.22 -30.03
CA VAL B 3 7.28 -18.32 -30.65
C VAL B 3 7.12 -17.03 -29.78
N PRO B 4 7.14 -15.85 -30.41
CA PRO B 4 7.17 -14.68 -29.56
C PRO B 4 5.78 -14.12 -29.19
N ASP B 5 4.75 -14.96 -29.17
CA ASP B 5 3.38 -14.47 -28.99
C ASP B 5 3.17 -13.46 -27.84
N TYR B 6 3.75 -13.72 -26.68
CA TYR B 6 3.57 -12.85 -25.50
C TYR B 6 4.75 -11.99 -25.19
N HIS B 7 5.77 -12.02 -26.06
CA HIS B 7 7.00 -11.27 -25.72
C HIS B 7 6.75 -9.75 -25.49
N GLU B 8 6.00 -9.10 -26.39
CA GLU B 8 5.74 -7.64 -26.21
C GLU B 8 4.90 -7.37 -24.97
N ASP B 9 3.85 -8.17 -24.77
CA ASP B 9 2.98 -8.01 -23.60
C ASP B 9 3.82 -8.08 -22.33
N ILE B 10 4.72 -9.07 -22.30
CA ILE B 10 5.54 -9.28 -21.11
C ILE B 10 6.51 -8.15 -20.89
N HIS B 11 7.14 -7.71 -21.97
CA HIS B 11 8.06 -6.58 -21.88
C HIS B 11 7.34 -5.39 -21.28
N THR B 12 6.18 -5.06 -21.85
CA THR B 12 5.38 -3.95 -21.36
C THR B 12 5.07 -4.07 -19.86
N TYR B 13 4.64 -5.27 -19.45
CA TYR B 13 4.30 -5.54 -18.08
C TYR B 13 5.51 -5.36 -17.15
N LEU B 14 6.65 -5.88 -17.57
CA LEU B 14 7.89 -5.74 -16.80
C LEU B 14 8.32 -4.27 -16.67
N ARG B 15 8.12 -3.52 -17.73
CA ARG B 15 8.39 -2.06 -17.70
C ARG B 15 7.47 -1.32 -16.69
N GLU B 16 6.22 -1.75 -16.57
CA GLU B 16 5.33 -1.22 -15.56
C GLU B 16 5.81 -1.60 -14.19
N MET B 17 6.15 -2.87 -14.03
CA MET B 17 6.46 -3.38 -12.69
C MET B 17 7.80 -2.92 -12.14
N GLU B 18 8.77 -2.64 -13.00
CA GLU B 18 10.13 -2.28 -12.49
C GLU B 18 10.07 -0.91 -11.78
N VAL B 19 9.11 -0.10 -12.18
CA VAL B 19 8.87 1.19 -11.54
C VAL B 19 8.24 0.95 -10.17
N LYS B 20 7.34 0.00 -10.04
CA LYS B 20 6.67 -0.26 -8.78
C LYS B 20 7.51 -1.01 -7.72
N CYS B 21 8.42 -1.84 -8.23
N CYS B 21 8.41 -1.88 -8.15
CA CYS B 21 9.24 -2.78 -7.45
CA CYS B 21 9.15 -2.67 -7.20
C CYS B 21 10.63 -2.15 -7.19
C CYS B 21 10.39 -1.90 -6.75
N LYS B 22 10.76 -0.87 -7.51
CA LYS B 22 12.01 -0.13 -7.32
C LYS B 22 12.21 0.21 -5.82
N PRO B 23 13.42 -0.04 -5.25
CA PRO B 23 13.63 0.44 -3.91
C PRO B 23 13.73 1.97 -3.89
N LYS B 24 13.74 2.55 -2.71
CA LYS B 24 13.91 3.99 -2.55
C LYS B 24 15.34 4.46 -2.76
N VAL B 25 15.58 5.29 -3.77
CA VAL B 25 16.94 5.53 -4.26
C VAL B 25 17.94 5.99 -3.18
N GLY B 26 17.50 6.87 -2.27
CA GLY B 26 18.40 7.43 -1.26
C GLY B 26 18.33 6.77 0.13
N TYR B 27 17.87 5.51 0.18
CA TYR B 27 17.55 4.95 1.47
C TYR B 27 18.75 4.85 2.42
N MET B 28 19.93 4.65 1.89
CA MET B 28 21.07 4.32 2.74
C MET B 28 21.46 5.48 3.63
N LYS B 29 21.22 6.69 3.16
CA LYS B 29 21.54 7.88 3.93
C LYS B 29 20.68 7.95 5.20
N LYS B 30 19.52 7.31 5.20
CA LYS B 30 18.69 7.20 6.39
C LYS B 30 18.92 5.95 7.24
N GLN B 31 19.87 5.10 6.88
CA GLN B 31 20.25 3.99 7.73
C GLN B 31 21.30 4.46 8.76
N PRO B 32 21.02 4.30 10.05
CA PRO B 32 21.97 4.86 11.04
C PRO B 32 23.28 4.12 11.19
N ASP B 33 23.29 2.85 10.84
CA ASP B 33 24.43 1.97 11.13
C ASP B 33 25.07 1.34 9.94
N ILE B 34 24.32 1.00 8.89
CA ILE B 34 24.91 0.36 7.74
C ILE B 34 25.20 1.38 6.60
N THR B 35 26.07 0.97 5.69
CA THR B 35 26.50 1.80 4.60
C THR B 35 26.47 1.06 3.26
N ASN B 36 26.65 1.81 2.18
CA ASN B 36 26.85 1.22 0.86
C ASN B 36 28.02 0.23 0.80
N SER B 37 29.14 0.49 1.51
CA SER B 37 30.25 -0.42 1.55
C SER B 37 29.86 -1.78 2.17
N MET B 38 29.11 -1.72 3.24
CA MET B 38 28.63 -2.94 3.91
C MET B 38 27.67 -3.68 2.97
N ARG B 39 26.80 -2.95 2.30
CA ARG B 39 25.92 -3.58 1.31
C ARG B 39 26.74 -4.30 0.22
N ALA B 40 27.79 -3.65 -0.27
CA ALA B 40 28.66 -4.27 -1.28
C ALA B 40 29.27 -5.57 -0.79
N ILE B 41 29.76 -5.60 0.45
CA ILE B 41 30.34 -6.80 1.05
C ILE B 41 29.26 -7.92 1.09
N LEU B 42 28.04 -7.54 1.47
CA LEU B 42 26.94 -8.49 1.51
C LEU B 42 26.62 -9.10 0.14
N VAL B 43 26.46 -8.24 -0.86
CA VAL B 43 26.13 -8.73 -2.20
C VAL B 43 27.24 -9.61 -2.78
N ASP B 44 28.50 -9.20 -2.61
CA ASP B 44 29.63 -9.97 -3.08
C ASP B 44 29.62 -11.38 -2.45
N TRP B 45 29.31 -11.47 -1.16
CA TRP B 45 29.17 -12.75 -0.46
C TRP B 45 28.02 -13.58 -1.06
N LEU B 46 26.88 -12.93 -1.33
CA LEU B 46 25.77 -13.63 -2.00
C LEU B 46 26.15 -14.20 -3.37
N VAL B 47 27.01 -13.51 -4.11
CA VAL B 47 27.59 -14.07 -5.35
C VAL B 47 28.26 -15.41 -5.06
N GLU B 48 29.14 -15.45 -4.05
CA GLU B 48 29.77 -16.70 -3.66
C GLU B 48 28.81 -17.80 -3.28
N VAL B 49 27.78 -17.44 -2.51
CA VAL B 49 26.79 -18.37 -2.07
C VAL B 49 26.09 -18.97 -3.29
N GLY B 50 25.71 -18.10 -4.22
CA GLY B 50 25.07 -18.62 -5.46
C GLY B 50 25.95 -19.59 -6.22
N GLU B 51 27.25 -19.31 -6.30
CA GLU B 51 28.19 -20.24 -6.93
C GLU B 51 28.28 -21.57 -6.19
N GLU B 52 28.36 -21.52 -4.87
CA GLU B 52 28.49 -22.72 -4.07
C GLU B 52 27.30 -23.64 -4.31
N TYR B 53 26.11 -23.07 -4.39
CA TYR B 53 24.87 -23.86 -4.49
C TYR B 53 24.37 -24.00 -5.92
N LYS B 54 25.17 -23.53 -6.86
CA LYS B 54 24.89 -23.61 -8.30
C LYS B 54 23.50 -23.01 -8.60
N LEU B 55 23.24 -21.89 -7.95
CA LEU B 55 21.98 -21.14 -8.17
C LEU B 55 22.03 -20.30 -9.44
N GLN B 56 20.84 -20.01 -9.94
CA GLN B 56 20.70 -19.15 -11.11
C GLN B 56 21.13 -17.72 -10.83
N ASN B 57 21.66 -17.08 -11.85
CA ASN B 57 21.90 -15.62 -11.74
C ASN B 57 20.63 -14.84 -11.42
N GLU B 58 19.50 -15.29 -11.98
CA GLU B 58 18.20 -14.65 -11.65
C GLU B 58 17.96 -14.62 -10.12
N THR B 59 18.28 -15.71 -9.45
CA THR B 59 18.07 -15.85 -8.01
C THR B 59 18.87 -14.78 -7.24
N LEU B 60 20.13 -14.59 -7.63
CA LEU B 60 20.96 -13.52 -7.08
C LEU B 60 20.33 -12.14 -7.27
N HIS B 61 19.90 -11.85 -8.50
CA HIS B 61 19.29 -10.57 -8.81
C HIS B 61 18.04 -10.34 -7.97
N LEU B 62 17.21 -11.37 -7.88
CA LEU B 62 15.98 -11.25 -7.02
C LEU B 62 16.34 -10.92 -5.56
N ALA B 63 17.28 -11.65 -5.01
CA ALA B 63 17.70 -11.45 -3.61
C ALA B 63 18.15 -10.02 -3.37
N VAL B 64 18.87 -9.46 -4.32
CA VAL B 64 19.32 -8.08 -4.18
C VAL B 64 18.13 -7.12 -4.20
N ASN B 65 17.22 -7.35 -5.12
CA ASN B 65 15.94 -6.60 -5.13
C ASN B 65 15.25 -6.60 -3.76
N TYR B 66 15.11 -7.79 -3.19
CA TYR B 66 14.43 -7.96 -1.86
C TYR B 66 15.17 -7.18 -0.78
N ILE B 67 16.49 -7.31 -0.76
CA ILE B 67 17.31 -6.63 0.22
C ILE B 67 17.12 -5.14 0.15
N ASP B 68 17.24 -4.58 -1.04
CA ASP B 68 17.13 -3.10 -1.18
C ASP B 68 15.75 -2.60 -0.82
N ARG B 69 14.70 -3.36 -1.19
CA ARG B 69 13.36 -2.97 -0.79
C ARG B 69 13.17 -3.06 0.73
N PHE B 70 13.72 -4.11 1.34
CA PHE B 70 13.61 -4.29 2.78
C PHE B 70 14.30 -3.10 3.50
N LEU B 71 15.53 -2.81 3.07
CA LEU B 71 16.33 -1.79 3.74
C LEU B 71 15.78 -0.38 3.44
N SER B 72 14.94 -0.27 2.41
CA SER B 72 14.26 1.02 2.10
C SER B 72 13.26 1.38 3.14
N SER B 73 12.69 0.41 3.86
CA SER B 73 11.77 0.78 4.90
C SER B 73 12.10 0.30 6.33
N MET B 74 13.17 -0.45 6.50
CA MET B 74 13.51 -1.02 7.81
C MET B 74 14.96 -0.69 8.19
N SER B 75 15.13 0.01 9.31
N SER B 75 15.13 0.01 9.29
CA SER B 75 16.46 0.27 9.85
CA SER B 75 16.45 0.27 9.82
C SER B 75 17.05 -1.03 10.37
C SER B 75 17.01 -1.08 10.28
N VAL B 76 18.29 -1.32 9.99
CA VAL B 76 18.95 -2.61 10.34
C VAL B 76 20.38 -2.38 10.87
N LEU B 77 20.67 -2.95 12.03
CA LEU B 77 22.08 -2.85 12.59
C LEU B 77 22.97 -3.81 11.82
N ARG B 78 24.26 -3.46 11.77
CA ARG B 78 25.21 -4.17 10.94
C ARG B 78 25.28 -5.67 11.28
N GLY B 79 25.10 -6.03 12.56
CA GLY B 79 25.12 -7.43 12.97
C GLY B 79 23.97 -8.31 12.49
N LYS B 80 22.94 -7.66 11.93
CA LYS B 80 21.76 -8.33 11.40
C LYS B 80 21.69 -8.23 9.85
N LEU B 81 22.59 -7.48 9.23
CA LEU B 81 22.56 -7.32 7.77
C LEU B 81 22.71 -8.67 7.06
N GLN B 82 23.61 -9.52 7.55
CA GLN B 82 23.80 -10.83 6.92
C GLN B 82 22.54 -11.72 7.09
N LEU B 83 21.80 -11.50 8.18
CA LEU B 83 20.55 -12.23 8.40
C LEU B 83 19.51 -11.83 7.37
N VAL B 84 19.41 -10.54 7.14
CA VAL B 84 18.52 -10.02 6.08
C VAL B 84 18.88 -10.62 4.70
N GLY B 85 20.19 -10.63 4.39
CA GLY B 85 20.62 -11.16 3.11
C GLY B 85 20.37 -12.62 2.95
N THR B 86 20.62 -13.37 4.02
CA THR B 86 20.45 -14.81 3.98
C THR B 86 18.97 -15.17 3.77
N ALA B 87 18.07 -14.49 4.49
CA ALA B 87 16.59 -14.74 4.33
C ALA B 87 16.15 -14.36 2.91
N ALA B 88 16.68 -13.25 2.41
CA ALA B 88 16.41 -12.83 1.02
C ALA B 88 16.83 -13.87 -0.04
N MET B 89 17.99 -14.45 0.14
CA MET B 89 18.52 -15.47 -0.76
C MET B 89 17.71 -16.76 -0.65
N LEU B 90 17.31 -17.11 0.56
CA LEU B 90 16.40 -18.22 0.78
C LEU B 90 15.06 -18.01 0.01
N LEU B 91 14.45 -16.85 0.19
CA LEU B 91 13.21 -16.53 -0.48
C LEU B 91 13.36 -16.52 -2.00
N ALA B 92 14.44 -15.91 -2.50
CA ALA B 92 14.69 -15.87 -3.95
C ALA B 92 14.82 -17.29 -4.50
N SER B 93 15.55 -18.13 -3.77
CA SER B 93 15.74 -19.54 -4.15
C SER B 93 14.41 -20.29 -4.19
N LYS B 94 13.56 -20.12 -3.18
CA LYS B 94 12.22 -20.76 -3.16
C LYS B 94 11.36 -20.28 -4.36
N PHE B 95 11.46 -19.01 -4.70
CA PHE B 95 10.70 -18.46 -5.81
C PHE B 95 11.19 -19.03 -7.14
N GLU B 96 12.51 -18.98 -7.37
CA GLU B 96 13.08 -19.13 -8.66
C GLU B 96 13.62 -20.52 -9.03
N GLU B 97 14.12 -21.25 -8.04
CA GLU B 97 14.86 -22.49 -8.29
C GLU B 97 13.97 -23.72 -8.40
N ILE B 98 14.42 -24.71 -9.18
CA ILE B 98 13.77 -26.01 -9.16
C ILE B 98 14.04 -26.70 -7.83
N TYR B 99 15.30 -26.68 -7.38
CA TYR B 99 15.70 -27.27 -6.13
C TYR B 99 16.41 -26.26 -5.23
N PRO B 100 15.68 -25.49 -4.48
CA PRO B 100 16.29 -24.50 -3.55
C PRO B 100 17.07 -25.27 -2.47
N PRO B 101 18.15 -24.69 -2.01
CA PRO B 101 18.85 -25.33 -0.88
C PRO B 101 18.00 -25.34 0.37
N GLU B 102 18.15 -26.34 1.22
CA GLU B 102 17.42 -26.37 2.47
C GLU B 102 17.90 -25.27 3.46
N VAL B 103 17.04 -24.92 4.39
CA VAL B 103 17.32 -23.85 5.35
C VAL B 103 18.61 -24.16 6.10
N ALA B 104 18.82 -25.44 6.42
CA ALA B 104 20.07 -25.80 7.13
C ALA B 104 21.31 -25.34 6.37
N GLU B 105 21.25 -25.32 5.02
CA GLU B 105 22.38 -24.85 4.22
C GLU B 105 22.59 -23.37 4.39
N PHE B 106 21.49 -22.62 4.44
CA PHE B 106 21.59 -21.20 4.68
C PHE B 106 22.17 -20.90 6.06
N VAL B 107 21.89 -21.72 7.05
CA VAL B 107 22.48 -21.53 8.36
C VAL B 107 23.99 -21.81 8.29
N TYR B 108 24.32 -22.95 7.70
CA TYR B 108 25.72 -23.38 7.54
C TYR B 108 26.57 -22.29 6.90
N ILE B 109 26.05 -21.69 5.79
CA ILE B 109 26.87 -20.78 5.02
C ILE B 109 27.19 -19.45 5.78
N THR B 110 26.46 -19.18 6.84
CA THR B 110 26.81 -18.07 7.77
C THR B 110 27.79 -18.44 8.88
N ASP B 111 28.31 -19.68 8.86
CA ASP B 111 29.15 -20.18 9.97
C ASP B 111 28.38 -20.17 11.28
N ASP B 112 27.09 -20.51 11.18
CA ASP B 112 26.21 -20.54 12.33
C ASP B 112 26.13 -19.23 13.09
N THR B 113 26.17 -18.12 12.36
CA THR B 113 26.01 -16.81 12.97
C THR B 113 24.58 -16.65 13.48
N TYR B 114 23.62 -17.20 12.74
CA TYR B 114 22.21 -17.18 13.14
C TYR B 114 21.69 -18.62 13.20
N THR B 115 20.66 -18.82 14.01
CA THR B 115 20.00 -20.10 14.11
C THR B 115 19.00 -20.28 12.98
N LYS B 116 18.58 -21.53 12.80
CA LYS B 116 17.49 -21.83 11.87
C LYS B 116 16.24 -21.01 12.25
N LYS B 117 15.94 -20.92 13.53
CA LYS B 117 14.79 -20.15 14.03
C LYS B 117 14.84 -18.69 13.59
N GLN B 118 16.02 -18.10 13.75
CA GLN B 118 16.24 -16.73 13.34
C GLN B 118 16.04 -16.54 11.84
N VAL B 119 16.57 -17.47 11.03
CA VAL B 119 16.50 -17.34 9.57
C VAL B 119 15.02 -17.43 9.18
N LEU B 120 14.28 -18.34 9.79
CA LEU B 120 12.85 -18.52 9.48
C LEU B 120 12.00 -17.34 9.96
N ARG B 121 12.34 -16.76 11.11
CA ARG B 121 11.65 -15.56 11.57
C ARG B 121 11.93 -14.37 10.64
N MET B 122 13.18 -14.27 10.19
CA MET B 122 13.55 -13.18 9.25
C MET B 122 12.82 -13.39 7.93
N GLU B 123 12.71 -14.64 7.48
CA GLU B 123 11.94 -14.93 6.28
C GLU B 123 10.52 -14.35 6.41
N HIS B 124 9.85 -14.66 7.52
CA HIS B 124 8.50 -14.15 7.81
C HIS B 124 8.50 -12.62 7.74
N LEU B 125 9.49 -11.99 8.40
CA LEU B 125 9.54 -10.52 8.43
C LEU B 125 9.76 -9.92 7.02
N VAL B 126 10.63 -10.52 6.24
CA VAL B 126 10.90 -10.03 4.87
C VAL B 126 9.61 -10.17 4.05
N LEU B 127 8.94 -11.32 4.14
CA LEU B 127 7.64 -11.49 3.43
C LEU B 127 6.63 -10.41 3.83
N LYS B 128 6.57 -10.12 5.14
CA LYS B 128 5.65 -9.12 5.66
C LYS B 128 5.95 -7.75 5.06
N VAL B 129 7.20 -7.36 5.18
CA VAL B 129 7.65 -6.03 4.74
C VAL B 129 7.45 -5.84 3.20
N LEU B 130 7.71 -6.90 2.43
CA LEU B 130 7.60 -6.87 0.96
C LEU B 130 6.19 -7.24 0.51
N THR B 131 5.30 -7.39 1.49
CA THR B 131 3.90 -7.78 1.28
C THR B 131 3.77 -8.90 0.23
N PHE B 132 4.64 -9.89 0.38
CA PHE B 132 4.69 -11.10 -0.47
C PHE B 132 4.86 -10.80 -1.96
N ASP B 133 5.32 -9.60 -2.32
CA ASP B 133 5.46 -9.19 -3.68
C ASP B 133 6.88 -9.52 -4.19
N LEU B 134 7.11 -10.79 -4.51
CA LEU B 134 8.44 -11.31 -4.82
C LEU B 134 8.73 -11.46 -6.30
N ALA B 135 7.72 -11.27 -7.17
CA ALA B 135 7.92 -11.48 -8.59
C ALA B 135 8.44 -10.21 -9.27
N ALA B 136 9.59 -9.77 -8.80
CA ALA B 136 10.18 -8.51 -9.24
C ALA B 136 10.91 -8.62 -10.57
N PRO B 137 10.81 -7.59 -11.44
CA PRO B 137 11.71 -7.54 -12.58
C PRO B 137 13.20 -7.30 -12.17
N THR B 138 14.09 -7.92 -12.91
CA THR B 138 15.53 -7.81 -12.71
C THR B 138 16.26 -7.34 -13.99
N VAL B 139 17.50 -6.92 -13.84
CA VAL B 139 18.37 -6.70 -14.97
C VAL B 139 18.47 -7.93 -15.87
N ASN B 140 18.55 -9.08 -15.23
CA ASN B 140 18.70 -10.36 -15.94
C ASN B 140 17.49 -10.60 -16.83
N GLN B 141 16.28 -10.32 -16.33
CA GLN B 141 15.08 -10.52 -17.15
C GLN B 141 15.05 -9.67 -18.39
N PHE B 142 15.60 -8.46 -18.31
CA PHE B 142 15.68 -7.63 -19.49
C PHE B 142 16.82 -8.09 -20.43
N LEU B 143 17.96 -8.42 -19.84
CA LEU B 143 19.05 -8.93 -20.64
C LEU B 143 18.64 -10.08 -21.57
N THR B 144 17.97 -11.08 -21.01
CA THR B 144 17.63 -12.28 -21.80
C THR B 144 16.71 -11.88 -22.99
N GLN B 145 15.85 -10.89 -22.76
CA GLN B 145 15.05 -10.36 -23.87
C GLN B 145 15.90 -9.68 -24.95
N TYR B 146 16.80 -8.84 -24.50
CA TYR B 146 17.68 -8.14 -25.40
C TYR B 146 18.55 -9.08 -26.25
N PHE B 147 18.98 -10.19 -25.66
CA PHE B 147 19.81 -11.12 -26.35
C PHE B 147 19.15 -11.70 -27.58
N LEU B 148 17.81 -11.69 -27.61
CA LEU B 148 17.10 -12.19 -28.78
C LEU B 148 17.29 -11.29 -30.00
N HIS B 149 17.90 -10.12 -29.82
CA HIS B 149 18.14 -9.16 -30.89
C HIS B 149 19.59 -9.13 -31.39
N GLN B 150 20.36 -10.16 -31.07
CA GLN B 150 21.71 -10.22 -31.59
C GLN B 150 21.78 -10.67 -33.04
N GLN B 151 22.83 -10.24 -33.76
CA GLN B 151 22.99 -10.49 -35.19
C GLN B 151 24.41 -10.89 -35.55
N PRO B 152 24.76 -12.19 -35.39
CA PRO B 152 24.04 -13.33 -34.80
C PRO B 152 24.35 -13.43 -33.30
N ALA B 153 23.75 -14.38 -32.59
CA ALA B 153 24.02 -14.58 -31.15
C ALA B 153 25.49 -14.87 -30.96
N ASN B 154 26.03 -14.39 -29.85
CA ASN B 154 27.44 -14.51 -29.55
C ASN B 154 27.53 -14.78 -28.08
N CYS B 155 28.09 -15.94 -27.74
N CYS B 155 28.07 -15.93 -27.69
CA CYS B 155 28.16 -16.41 -26.38
CA CYS B 155 28.04 -16.33 -26.30
C CYS B 155 28.94 -15.47 -25.48
C CYS B 155 28.96 -15.47 -25.43
N LYS B 156 30.03 -14.91 -26.02
CA LYS B 156 30.87 -13.94 -25.31
C LYS B 156 30.15 -12.65 -25.00
N VAL B 157 29.42 -12.15 -25.97
CA VAL B 157 28.59 -10.97 -25.70
C VAL B 157 27.57 -11.23 -24.57
N GLU B 158 26.88 -12.38 -24.61
CA GLU B 158 25.90 -12.69 -23.57
C GLU B 158 26.54 -12.78 -22.20
N SER B 159 27.63 -13.54 -22.11
N SER B 159 27.62 -13.55 -22.08
CA SER B 159 28.34 -13.72 -20.86
CA SER B 159 28.29 -13.67 -20.78
C SER B 159 28.89 -12.38 -20.32
C SER B 159 28.84 -12.33 -20.30
N LEU B 160 29.39 -11.53 -21.20
CA LEU B 160 29.96 -10.21 -20.79
C LEU B 160 28.88 -9.26 -20.38
N ALA B 161 27.75 -9.29 -21.07
CA ALA B 161 26.61 -8.50 -20.63
C ALA B 161 26.11 -8.93 -19.23
N MET B 162 26.02 -10.23 -19.01
N MET B 162 26.00 -10.23 -18.99
CA MET B 162 25.68 -10.78 -17.71
CA MET B 162 25.68 -10.74 -17.65
C MET B 162 26.64 -10.34 -16.60
C MET B 162 26.65 -10.26 -16.59
N PHE B 163 27.93 -10.37 -16.91
CA PHE B 163 29.00 -9.91 -15.99
C PHE B 163 28.79 -8.47 -15.59
N LEU B 164 28.59 -7.60 -16.59
CA LEU B 164 28.44 -6.17 -16.31
C LEU B 164 27.17 -5.83 -15.52
N GLY B 165 26.08 -6.51 -15.87
CA GLY B 165 24.80 -6.37 -15.15
C GLY B 165 24.98 -6.79 -13.71
N GLU B 166 25.81 -7.82 -13.49
CA GLU B 166 26.03 -8.30 -12.13
C GLU B 166 26.87 -7.32 -11.34
N LEU B 167 27.89 -6.76 -11.99
CA LEU B 167 28.72 -5.77 -11.30
C LEU B 167 27.86 -4.62 -10.76
N SER B 168 26.81 -4.25 -11.51
CA SER B 168 25.94 -3.19 -11.04
C SER B 168 25.26 -3.44 -9.71
N LEU B 169 25.03 -4.71 -9.39
CA LEU B 169 24.39 -5.12 -8.13
C LEU B 169 25.22 -4.67 -6.90
N ILE B 170 26.56 -4.62 -7.05
CA ILE B 170 27.46 -4.39 -5.93
C ILE B 170 27.36 -2.96 -5.39
N ASP B 171 27.21 -1.99 -6.32
CA ASP B 171 27.42 -0.57 -6.02
C ASP B 171 26.09 0.19 -6.09
N ALA B 172 25.50 0.35 -4.93
CA ALA B 172 24.23 1.07 -4.83
C ALA B 172 24.33 2.51 -5.34
N ASP B 173 25.47 3.16 -5.05
CA ASP B 173 25.84 4.39 -5.70
C ASP B 173 26.83 4.02 -6.79
N PRO B 174 26.44 4.18 -8.07
CA PRO B 174 25.30 4.88 -8.66
C PRO B 174 24.08 4.09 -9.05
N TYR B 175 24.16 2.75 -9.01
CA TYR B 175 23.22 1.96 -9.79
C TYR B 175 21.74 1.98 -9.34
N LEU B 176 21.47 2.29 -8.07
N LEU B 176 21.44 2.32 -8.09
CA LEU B 176 20.10 2.48 -7.58
CA LEU B 176 20.05 2.45 -7.65
C LEU B 176 19.36 3.58 -8.37
C LEU B 176 19.35 3.65 -8.31
N LYS B 177 20.12 4.49 -8.96
CA LYS B 177 19.55 5.59 -9.77
C LYS B 177 18.89 5.10 -11.07
N TYR B 178 19.18 3.90 -11.52
CA TYR B 178 18.76 3.47 -12.85
C TYR B 178 17.82 2.27 -12.71
N LEU B 179 16.88 2.19 -13.63
CA LEU B 179 15.99 1.03 -13.70
C LEU B 179 16.67 -0.19 -14.28
N PRO B 180 16.18 -1.39 -13.91
CA PRO B 180 16.74 -2.63 -14.46
C PRO B 180 16.83 -2.66 -16.01
N SER B 181 15.80 -2.11 -16.68
CA SER B 181 15.78 -2.16 -18.17
C SER B 181 16.87 -1.27 -18.78
N VAL B 182 17.25 -0.23 -18.03
CA VAL B 182 18.27 0.75 -18.45
C VAL B 182 19.67 0.16 -18.21
N ILE B 183 19.91 -0.39 -17.03
N ILE B 183 19.88 -0.38 -17.01
CA ILE B 183 21.19 -1.05 -16.80
CA ILE B 183 21.11 -1.11 -16.68
C ILE B 183 21.40 -2.20 -17.78
C ILE B 183 21.39 -2.21 -17.70
N ALA B 184 20.36 -3.00 -18.01
CA ALA B 184 20.46 -4.07 -18.99
C ALA B 184 20.85 -3.51 -20.37
N GLY B 185 20.29 -2.35 -20.75
CA GLY B 185 20.57 -1.75 -22.02
C GLY B 185 22.03 -1.34 -22.14
N ALA B 186 22.49 -0.62 -21.14
CA ALA B 186 23.90 -0.20 -21.06
C ALA B 186 24.84 -1.44 -21.08
N ALA B 187 24.48 -2.47 -20.31
CA ALA B 187 25.31 -3.69 -20.24
C ALA B 187 25.38 -4.38 -21.60
N PHE B 188 24.25 -4.49 -22.27
CA PHE B 188 24.20 -5.13 -23.57
C PHE B 188 25.04 -4.35 -24.60
N HIS B 189 24.84 -3.05 -24.68
CA HIS B 189 25.59 -2.25 -25.61
C HIS B 189 27.11 -2.35 -25.33
N LEU B 190 27.48 -2.23 -24.07
CA LEU B 190 28.92 -2.21 -23.70
C LEU B 190 29.53 -3.58 -24.07
N ALA B 191 28.79 -4.65 -23.80
CA ALA B 191 29.24 -6.01 -24.18
C ALA B 191 29.42 -6.18 -25.70
N LEU B 192 28.40 -5.79 -26.45
CA LEU B 192 28.41 -5.85 -27.90
C LEU B 192 29.63 -5.08 -28.44
N TYR B 193 29.82 -3.89 -27.92
CA TYR B 193 30.86 -2.99 -28.41
C TYR B 193 32.23 -3.57 -28.10
N THR B 194 32.36 -4.16 -26.92
CA THR B 194 33.64 -4.71 -26.49
C THR B 194 34.04 -5.94 -27.35
N VAL B 195 33.08 -6.83 -27.58
CA VAL B 195 33.35 -8.09 -28.24
C VAL B 195 33.37 -7.98 -29.78
N THR B 196 32.38 -7.35 -30.34
CA THR B 196 32.16 -7.34 -31.79
C THR B 196 32.33 -5.96 -32.42
N GLY B 197 32.41 -4.92 -31.60
CA GLY B 197 32.46 -3.56 -32.08
C GLY B 197 31.11 -3.02 -32.57
N GLN B 198 30.06 -3.86 -32.47
N GLN B 198 30.06 -3.82 -32.49
CA GLN B 198 28.66 -3.50 -32.78
CA GLN B 198 28.72 -3.35 -32.86
C GLN B 198 28.11 -2.58 -31.69
C GLN B 198 28.10 -2.59 -31.70
N SER B 199 26.96 -1.95 -31.98
CA SER B 199 26.29 -1.08 -31.03
C SER B 199 24.83 -1.49 -30.86
N TRP B 200 24.22 -0.95 -29.81
CA TRP B 200 22.76 -1.09 -29.48
C TRP B 200 21.96 -1.11 -30.76
N PRO B 201 21.29 -2.25 -31.04
CA PRO B 201 20.66 -2.40 -32.36
C PRO B 201 19.38 -1.58 -32.53
N GLU B 202 19.11 -1.19 -33.78
CA GLU B 202 17.91 -0.43 -34.10
C GLU B 202 16.64 -1.19 -33.66
N SER B 203 16.62 -2.51 -33.75
CA SER B 203 15.48 -3.29 -33.34
C SER B 203 15.16 -3.10 -31.85
N LEU B 204 16.19 -2.90 -31.04
CA LEU B 204 15.97 -2.59 -29.63
C LEU B 204 15.54 -1.15 -29.31
N ILE B 205 15.92 -0.19 -30.15
CA ILE B 205 15.30 1.13 -30.09
C ILE B 205 13.79 0.98 -30.32
N ARG B 206 13.40 0.21 -31.34
CA ARG B 206 11.97 -0.04 -31.62
C ARG B 206 11.25 -0.69 -30.45
N LYS B 207 11.90 -1.68 -29.85
CA LYS B 207 11.31 -2.46 -28.75
C LYS B 207 11.14 -1.64 -27.47
N THR B 208 12.24 -1.00 -27.10
CA THR B 208 12.36 -0.35 -25.79
C THR B 208 12.15 1.14 -25.74
N GLY B 209 12.29 1.82 -26.87
CA GLY B 209 12.24 3.25 -26.93
C GLY B 209 13.54 3.90 -26.45
N TYR B 210 14.51 3.10 -26.01
CA TYR B 210 15.80 3.63 -25.60
C TYR B 210 16.79 3.72 -26.76
N THR B 211 17.59 4.76 -26.72
CA THR B 211 18.64 5.06 -27.68
C THR B 211 19.97 5.11 -26.93
N LEU B 212 21.09 5.10 -27.66
CA LEU B 212 22.36 5.39 -27.02
C LEU B 212 22.32 6.68 -26.25
N GLU B 213 21.63 7.70 -26.76
CA GLU B 213 21.59 8.95 -26.03
C GLU B 213 20.91 8.74 -24.68
N SER B 214 19.79 8.00 -24.68
CA SER B 214 19.06 7.87 -23.41
C SER B 214 19.83 6.98 -22.42
N LEU B 215 20.58 6.01 -22.96
CA LEU B 215 21.37 5.10 -22.16
C LEU B 215 22.71 5.72 -21.69
N LYS B 216 23.07 6.87 -22.24
CA LYS B 216 24.43 7.43 -22.02
C LYS B 216 24.81 7.60 -20.55
N PRO B 217 23.96 8.20 -19.71
CA PRO B 217 24.37 8.34 -18.31
C PRO B 217 24.73 7.01 -17.65
N CYS B 218 23.88 5.99 -17.83
CA CYS B 218 24.17 4.70 -17.26
C CYS B 218 25.41 4.08 -17.90
N LEU B 219 25.53 4.25 -19.20
N LEU B 219 25.52 4.22 -19.22
CA LEU B 219 26.63 3.67 -19.95
CA LEU B 219 26.67 3.70 -19.95
C LEU B 219 27.96 4.26 -19.50
C LEU B 219 27.95 4.26 -19.41
N MET B 220 27.97 5.57 -19.24
CA MET B 220 29.20 6.21 -18.72
C MET B 220 29.59 5.64 -17.37
N ASP B 221 28.62 5.45 -16.48
CA ASP B 221 28.91 4.86 -15.17
C ASP B 221 29.42 3.42 -15.33
N LEU B 222 28.71 2.62 -16.12
CA LEU B 222 29.06 1.20 -16.28
C LEU B 222 30.46 1.02 -16.94
N HIS B 223 30.80 1.90 -17.86
CA HIS B 223 32.09 1.87 -18.48
C HIS B 223 33.20 2.10 -17.43
N GLN B 224 32.99 3.07 -16.57
CA GLN B 224 33.92 3.34 -15.47
C GLN B 224 33.99 2.17 -14.50
N THR B 225 32.85 1.62 -14.13
CA THR B 225 32.85 0.41 -13.29
C THR B 225 33.65 -0.73 -13.95
N TYR B 226 33.47 -0.91 -15.25
CA TYR B 226 34.15 -1.96 -16.00
C TYR B 226 35.69 -1.71 -15.98
N LEU B 227 36.08 -0.49 -16.28
CA LEU B 227 37.50 -0.11 -16.29
C LEU B 227 38.15 -0.35 -14.94
N LYS B 228 37.41 -0.09 -13.87
CA LYS B 228 37.96 -0.13 -12.51
C LYS B 228 37.72 -1.47 -11.80
N ALA B 229 37.11 -2.41 -12.50
CA ALA B 229 36.67 -3.63 -11.86
C ALA B 229 37.84 -4.41 -11.21
N PRO B 230 39.02 -4.48 -11.88
CA PRO B 230 40.10 -5.27 -11.25
C PRO B 230 40.60 -4.68 -9.92
N GLN B 231 40.35 -3.40 -9.69
CA GLN B 231 40.77 -2.74 -8.45
C GLN B 231 39.68 -2.66 -7.36
N HIS B 232 38.44 -3.07 -7.68
CA HIS B 232 37.34 -2.93 -6.76
C HIS B 232 37.60 -3.83 -5.54
N ALA B 233 37.17 -3.38 -4.37
CA ALA B 233 37.34 -4.15 -3.12
C ALA B 233 36.68 -5.53 -3.19
N GLN B 234 35.54 -5.58 -3.91
CA GLN B 234 34.75 -6.80 -4.12
C GLN B 234 35.12 -7.42 -5.48
N GLN B 235 35.47 -8.71 -5.45
CA GLN B 235 36.03 -9.41 -6.62
C GLN B 235 35.31 -10.72 -7.00
N SER B 236 34.23 -11.07 -6.29
CA SER B 236 33.65 -12.39 -6.50
C SER B 236 33.04 -12.55 -7.88
N ILE B 237 32.45 -11.47 -8.40
CA ILE B 237 31.86 -11.52 -9.73
C ILE B 237 32.97 -11.67 -10.81
N ARG B 238 34.02 -10.85 -10.74
CA ARG B 238 35.19 -11.05 -11.60
C ARG B 238 35.69 -12.49 -11.57
N GLU B 239 35.85 -13.04 -10.38
CA GLU B 239 36.38 -14.42 -10.30
C GLU B 239 35.44 -15.40 -11.00
N LYS B 240 34.16 -15.25 -10.70
CA LYS B 240 33.11 -16.10 -11.27
C LYS B 240 33.19 -16.10 -12.79
N TYR B 241 33.30 -14.91 -13.37
CA TYR B 241 33.28 -14.74 -14.80
C TYR B 241 34.64 -14.97 -15.51
N LYS B 242 35.66 -15.42 -14.76
CA LYS B 242 36.89 -15.93 -15.35
C LYS B 242 36.73 -17.36 -15.85
N ASN B 243 35.72 -18.06 -15.32
CA ASN B 243 35.59 -19.50 -15.61
C ASN B 243 35.06 -19.82 -16.99
N SER B 244 35.27 -21.07 -17.43
N SER B 244 35.25 -21.08 -17.38
CA SER B 244 34.90 -21.49 -18.77
CA SER B 244 34.93 -21.54 -18.71
C SER B 244 33.41 -21.39 -19.04
C SER B 244 33.43 -21.45 -19.03
N LYS B 245 32.58 -21.60 -18.01
CA LYS B 245 31.08 -21.46 -18.18
C LYS B 245 30.70 -20.11 -18.78
N TYR B 246 31.49 -19.10 -18.41
CA TYR B 246 31.30 -17.73 -18.89
C TYR B 246 32.36 -17.28 -19.86
N HIS B 247 33.07 -18.24 -20.45
CA HIS B 247 34.00 -17.96 -21.54
C HIS B 247 35.08 -17.03 -21.14
N GLY B 248 35.40 -17.03 -19.85
CA GLY B 248 36.45 -16.14 -19.35
C GLY B 248 36.28 -14.66 -19.62
N VAL B 249 35.02 -14.18 -19.74
CA VAL B 249 34.83 -12.84 -20.24
C VAL B 249 35.36 -11.73 -19.32
N SER B 250 35.45 -11.98 -18.00
CA SER B 250 36.03 -10.94 -17.14
C SER B 250 37.54 -10.72 -17.34
N LEU B 251 38.18 -11.61 -18.10
CA LEU B 251 39.61 -11.46 -18.50
C LEU B 251 39.83 -10.66 -19.78
N LEU B 252 38.76 -10.38 -20.53
CA LEU B 252 38.86 -9.53 -21.69
C LEU B 252 39.27 -8.12 -21.27
N ASN B 253 40.00 -7.45 -22.16
CA ASN B 253 40.35 -6.10 -21.93
C ASN B 253 39.17 -5.21 -22.28
N PRO B 254 38.78 -4.32 -21.36
CA PRO B 254 37.75 -3.38 -21.65
C PRO B 254 38.17 -2.34 -22.66
N PRO B 255 37.20 -1.78 -23.38
CA PRO B 255 37.56 -0.75 -24.35
C PRO B 255 37.93 0.51 -23.60
N GLU B 256 39.00 1.21 -23.97
N GLU B 256 38.99 1.17 -24.05
CA GLU B 256 39.31 2.42 -23.23
CA GLU B 256 39.45 2.42 -23.45
C GLU B 256 38.37 3.58 -23.59
C GLU B 256 38.41 3.52 -23.61
N THR B 257 37.82 3.58 -24.81
CA THR B 257 36.84 4.58 -25.17
C THR B 257 35.60 3.95 -25.83
N LEU B 258 34.47 4.61 -25.66
CA LEU B 258 33.21 4.14 -26.30
C LEU B 258 32.83 4.93 -27.55
N ASN B 259 33.54 6.01 -27.79
CA ASN B 259 33.35 6.82 -28.96
C ASN B 259 31.91 7.23 -29.06
N LEU B 260 31.40 7.81 -27.98
CA LEU B 260 30.06 8.31 -27.95
C LEU B 260 30.15 9.79 -28.30
N SER C 1 2.12 -11.24 18.11
CA SER C 1 2.34 -9.99 17.31
C SER C 1 3.53 -9.17 17.78
N MET C 2 3.86 -9.26 19.07
CA MET C 2 4.97 -8.48 19.65
C MET C 2 6.23 -9.35 19.91
N GLU C 3 6.19 -10.57 19.39
CA GLU C 3 7.23 -11.59 19.57
C GLU C 3 8.62 -11.08 19.20
N ASN C 4 8.69 -10.18 18.23
CA ASN C 4 9.99 -9.73 17.74
C ASN C 4 10.52 -8.49 18.45
N PHE C 5 9.85 -8.01 19.50
CA PHE C 5 10.39 -6.93 20.31
C PHE C 5 10.81 -7.39 21.71
N GLN C 6 12.01 -7.02 22.09
CA GLN C 6 12.47 -7.17 23.45
C GLN C 6 12.37 -5.79 24.15
N LYS C 7 11.55 -5.69 25.19
CA LYS C 7 11.47 -4.49 25.98
C LYS C 7 12.79 -4.39 26.75
N VAL C 8 13.35 -3.19 26.76
CA VAL C 8 14.69 -2.94 27.40
C VAL C 8 14.57 -2.13 28.70
N GLU C 9 13.76 -1.07 28.68
CA GLU C 9 13.47 -0.27 29.84
C GLU C 9 12.22 0.55 29.69
N LYS C 10 11.60 0.78 30.82
CA LYS C 10 10.44 1.66 30.88
C LYS C 10 10.93 3.09 30.86
N ILE C 11 10.40 3.88 29.93
CA ILE C 11 10.85 5.27 29.80
C ILE C 11 9.77 6.31 30.04
N GLY C 12 8.50 5.90 30.17
CA GLY C 12 7.42 6.81 30.51
C GLY C 12 6.15 6.08 30.87
N GLU C 13 5.22 6.83 31.46
CA GLU C 13 3.99 6.25 31.94
C GLU C 13 2.99 7.32 32.39
N GLY C 14 1.75 7.14 31.96
CA GLY C 14 0.64 7.98 32.42
C GLY C 14 -0.67 7.21 32.33
N THR C 15 -1.79 7.89 32.58
CA THR C 15 -3.08 7.23 32.50
C THR C 15 -3.29 6.64 31.08
N TYR C 16 -2.79 7.34 30.08
CA TYR C 16 -2.82 6.86 28.70
C TYR C 16 -2.26 5.44 28.51
N GLY C 17 -1.25 5.07 29.31
CA GLY C 17 -0.48 3.83 29.08
C GLY C 17 1.00 3.95 29.46
N VAL C 18 1.81 3.11 28.86
CA VAL C 18 3.23 2.98 29.25
C VAL C 18 4.12 3.07 28.03
N VAL C 19 5.32 3.63 28.20
CA VAL C 19 6.25 3.68 27.05
C VAL C 19 7.57 2.99 27.43
N TYR C 20 8.01 2.11 26.53
CA TYR C 20 9.26 1.34 26.67
C TYR C 20 10.24 1.69 25.57
N LYS C 21 11.53 1.70 25.92
CA LYS C 21 12.60 1.50 24.99
C LYS C 21 12.59 0.00 24.72
N ALA C 22 12.60 -0.31 23.44
CA ALA C 22 12.59 -1.71 22.98
C ALA C 22 13.50 -1.94 21.79
N ARG C 23 13.86 -3.19 21.54
CA ARG C 23 14.71 -3.50 20.40
C ARG C 23 14.07 -4.61 19.57
N ASN C 24 14.15 -4.41 18.27
CA ASN C 24 13.70 -5.41 17.31
C ASN C 24 14.73 -6.57 17.32
N LYS C 25 14.26 -7.75 17.70
CA LYS C 25 15.16 -8.91 17.85
C LYS C 25 15.80 -9.39 16.53
N LEU C 26 15.14 -9.11 15.41
CA LEU C 26 15.57 -9.54 14.09
C LEU C 26 16.47 -8.52 13.37
N THR C 27 16.16 -7.24 13.53
CA THR C 27 16.92 -6.19 12.79
C THR C 27 17.86 -5.35 13.67
N GLY C 28 17.67 -5.41 14.98
CA GLY C 28 18.44 -4.62 15.94
C GLY C 28 17.89 -3.23 16.18
N GLU C 29 16.90 -2.81 15.40
CA GLU C 29 16.39 -1.45 15.52
C GLU C 29 15.86 -1.14 16.92
N VAL C 30 16.29 -0.02 17.48
CA VAL C 30 15.80 0.48 18.75
C VAL C 30 14.57 1.34 18.50
N VAL C 31 13.55 1.10 19.28
CA VAL C 31 12.28 1.80 19.14
C VAL C 31 11.70 2.21 20.48
N ALA C 32 10.72 3.10 20.42
CA ALA C 32 9.86 3.38 21.55
C ALA C 32 8.54 2.74 21.30
N LEU C 33 8.08 1.95 22.26
CA LEU C 33 6.78 1.26 22.21
C LEU C 33 5.83 1.88 23.21
N LYS C 34 4.72 2.42 22.71
CA LYS C 34 3.70 2.99 23.55
C LYS C 34 2.56 1.99 23.58
N LYS C 35 2.31 1.43 24.75
CA LYS C 35 1.29 0.43 24.99
C LYS C 35 0.04 1.11 25.48
N ILE C 36 -1.06 0.86 24.78
CA ILE C 36 -2.40 1.31 25.19
C ILE C 36 -3.20 0.07 25.55
N ARG C 37 -3.76 0.06 26.75
CA ARG C 37 -4.65 -1.02 27.16
C ARG C 37 -6.05 -0.69 26.70
N LEU C 38 -6.72 -1.68 26.12
CA LEU C 38 -8.05 -1.52 25.55
C LEU C 38 -9.15 -2.08 26.46
N ASP C 39 -8.77 -3.06 27.28
CA ASP C 39 -9.66 -3.62 28.31
C ASP C 39 -9.73 -2.77 29.60
N THR C 40 -8.94 -1.69 29.66
CA THR C 40 -9.08 -0.68 30.71
C THR C 40 -10.44 0.03 30.69
N GLU C 41 -10.78 0.65 29.55
CA GLU C 41 -12.05 1.37 29.43
C GLU C 41 -13.16 0.56 28.74
N THR C 42 -12.81 -0.37 27.84
CA THR C 42 -13.83 -1.11 27.08
C THR C 42 -14.80 -0.14 26.35
N GLU C 43 -14.23 0.96 25.84
CA GLU C 43 -14.93 1.79 24.88
C GLU C 43 -14.23 1.65 23.54
N GLY C 44 -13.42 0.63 23.37
CA GLY C 44 -12.70 0.40 22.14
C GLY C 44 -11.42 1.21 22.06
N VAL C 45 -10.99 1.54 20.85
CA VAL C 45 -9.77 2.28 20.67
C VAL C 45 -10.02 3.72 21.12
N PRO C 46 -9.16 4.23 22.05
CA PRO C 46 -9.35 5.60 22.54
C PRO C 46 -9.21 6.62 21.43
N SER C 47 -10.01 7.67 21.52
CA SER C 47 -9.95 8.76 20.55
C SER C 47 -8.55 9.36 20.50
N THR C 48 -7.86 9.42 21.63
CA THR C 48 -6.48 9.97 21.62
C THR C 48 -5.59 9.15 20.71
N ALA C 49 -5.74 7.82 20.72
CA ALA C 49 -4.92 7.00 19.88
C ALA C 49 -5.33 7.10 18.42
N ILE C 50 -6.63 7.17 18.14
CA ILE C 50 -7.11 7.35 16.77
C ILE C 50 -6.55 8.62 16.13
N ARG C 51 -6.57 9.70 16.89
CA ARG C 51 -6.02 10.98 16.43
C ARG C 51 -4.51 10.91 16.28
N GLU C 52 -3.83 10.41 17.31
CA GLU C 52 -2.37 10.32 17.26
C GLU C 52 -1.91 9.58 16.01
N ILE C 53 -2.47 8.41 15.77
CA ILE C 53 -2.06 7.61 14.63
C ILE C 53 -2.42 8.27 13.29
N SER C 54 -3.69 8.59 13.10
CA SER C 54 -4.14 9.12 11.80
C SER C 54 -3.37 10.40 11.41
N LEU C 55 -3.13 11.25 12.39
CA LEU C 55 -2.44 12.51 12.14
C LEU C 55 -0.94 12.34 11.92
N LEU C 56 -0.28 11.58 12.79
CA LEU C 56 1.15 11.35 12.62
C LEU C 56 1.49 10.71 11.27
N LYS C 57 0.63 9.84 10.78
CA LYS C 57 0.87 9.32 9.41
C LYS C 57 0.83 10.39 8.29
N GLU C 58 0.21 11.53 8.54
CA GLU C 58 0.22 12.67 7.61
C GLU C 58 1.25 13.75 7.93
N LEU C 59 2.15 13.45 8.85
CA LEU C 59 3.12 14.46 9.34
C LEU C 59 4.51 13.90 9.23
N ASN C 60 4.93 13.67 8.00
CA ASN C 60 6.28 13.21 7.69
C ASN C 60 7.23 14.41 7.56
N HIS C 61 8.05 14.62 8.58
CA HIS C 61 8.92 15.80 8.63
C HIS C 61 10.11 15.53 9.54
N PRO C 62 11.28 16.08 9.17
CA PRO C 62 12.44 15.79 10.04
C PRO C 62 12.32 16.20 11.51
N ASN C 63 11.46 17.18 11.79
CA ASN C 63 11.24 17.64 13.15
C ASN C 63 9.95 17.18 13.80
N ILE C 64 9.43 16.09 13.28
CA ILE C 64 8.28 15.40 13.92
C ILE C 64 8.63 13.95 14.09
N VAL C 65 8.43 13.44 15.29
CA VAL C 65 8.76 12.05 15.57
C VAL C 65 8.03 11.09 14.61
N LYS C 66 8.77 10.08 14.18
CA LYS C 66 8.22 9.12 13.21
C LYS C 66 7.49 7.98 13.88
N LEU C 67 6.27 7.73 13.38
CA LEU C 67 5.53 6.55 13.76
C LEU C 67 5.86 5.46 12.77
N LEU C 68 6.43 4.35 13.27
CA LEU C 68 6.93 3.27 12.46
C LEU C 68 5.92 2.14 12.24
N ASP C 69 5.04 1.90 13.18
CA ASP C 69 4.11 0.76 13.11
C ASP C 69 3.03 0.90 14.13
N VAL C 70 1.93 0.18 13.89
CA VAL C 70 0.87 0.06 14.85
C VAL C 70 0.50 -1.39 14.90
N ILE C 71 0.47 -1.95 16.10
CA ILE C 71 0.14 -3.37 16.26
C ILE C 71 -1.08 -3.44 17.14
N HIS C 72 -2.22 -3.82 16.53
CA HIS C 72 -3.54 -3.79 17.17
C HIS C 72 -3.90 -5.22 17.40
N THR C 73 -3.77 -5.64 18.67
CA THR C 73 -3.41 -7.03 19.09
C THR C 73 -4.06 -7.50 20.40
N GLU C 74 -5.01 -8.43 20.30
CA GLU C 74 -5.65 -9.07 21.47
C GLU C 74 -6.49 -8.03 22.26
N ASN C 75 -6.01 -7.67 23.45
CA ASN C 75 -6.56 -6.58 24.24
C ASN C 75 -5.63 -5.38 24.27
N LYS C 76 -4.73 -5.29 23.28
CA LYS C 76 -3.72 -4.22 23.29
C LYS C 76 -3.50 -3.50 21.94
N LEU C 77 -3.03 -2.27 22.05
CA LEU C 77 -2.66 -1.53 20.87
C LEU C 77 -1.29 -0.93 21.19
N TYR C 78 -0.31 -1.25 20.37
CA TYR C 78 1.03 -0.71 20.52
C TYR C 78 1.31 0.24 19.36
N LEU C 79 1.82 1.41 19.69
CA LEU C 79 2.33 2.35 18.72
C LEU C 79 3.85 2.28 18.80
N VAL C 80 4.47 2.09 17.65
CA VAL C 80 5.91 1.92 17.55
C VAL C 80 6.50 3.11 16.92
N PHE C 81 7.38 3.81 17.65
CA PHE C 81 8.02 5.01 17.18
C PHE C 81 9.54 4.85 17.02
N GLU C 82 10.16 5.70 16.24
CA GLU C 82 11.62 5.83 16.34
C GLU C 82 11.97 6.25 17.78
N PHE C 83 13.17 5.88 18.19
CA PHE C 83 13.64 6.17 19.54
C PHE C 83 14.57 7.35 19.49
N LEU C 84 14.33 8.34 20.33
CA LEU C 84 15.30 9.44 20.48
C LEU C 84 15.88 9.46 21.88
N HIS C 85 17.17 9.79 21.94
CA HIS C 85 17.98 9.81 23.14
C HIS C 85 17.27 10.23 24.44
N GLN C 86 16.68 11.43 24.42
CA GLN C 86 16.00 11.97 25.58
C GLN C 86 15.09 13.15 25.18
N ASP C 87 14.33 13.64 26.16
CA ASP C 87 13.48 14.79 25.94
C ASP C 87 14.18 16.09 26.40
N LEU C 88 13.60 17.22 26.01
CA LEU C 88 14.16 18.55 26.27
C LEU C 88 14.15 18.90 27.74
N LYS C 89 13.16 18.43 28.48
CA LYS C 89 13.06 18.73 29.90
C LYS C 89 14.28 18.22 30.65
N LYS C 90 14.65 16.97 30.37
CA LYS C 90 15.82 16.36 31.00
C LYS C 90 17.11 17.07 30.61
N PHE C 91 17.17 17.54 29.37
CA PHE C 91 18.33 18.29 28.88
C PHE C 91 18.43 19.67 29.54
N MET C 92 17.30 20.34 29.70
CA MET C 92 17.25 21.61 30.43
C MET C 92 17.80 21.43 31.85
N ASP C 93 17.34 20.39 32.53
CA ASP C 93 17.75 20.11 33.91
C ASP C 93 19.24 19.80 34.02
N ALA C 94 19.76 19.04 33.07
CA ALA C 94 21.20 18.78 33.03
C ALA C 94 21.95 20.07 32.76
N SER C 95 21.30 21.00 32.05
CA SER C 95 21.92 22.27 31.67
C SER C 95 21.57 23.40 32.63
N ALA C 96 20.99 23.09 33.78
CA ALA C 96 20.52 24.11 34.72
C ALA C 96 21.69 24.87 35.33
N LEU C 97 22.74 24.15 35.71
CA LEU C 97 23.93 24.77 36.32
C LEU C 97 24.62 25.72 35.35
N THR C 98 24.74 25.29 34.10
CA THR C 98 25.50 26.02 33.09
C THR C 98 24.60 26.83 32.15
N GLY C 99 23.51 26.20 31.72
CA GLY C 99 22.57 26.81 30.77
C GLY C 99 22.84 26.29 29.37
N ILE C 100 21.78 26.11 28.58
CA ILE C 100 21.90 25.75 27.16
C ILE C 100 22.51 26.92 26.39
N PRO C 101 23.57 26.68 25.59
CA PRO C 101 24.12 27.77 24.79
C PRO C 101 23.12 28.37 23.83
N LEU C 102 23.22 29.69 23.64
CA LEU C 102 22.26 30.41 22.80
C LEU C 102 22.22 29.91 21.35
N PRO C 103 23.39 29.56 20.77
CA PRO C 103 23.39 28.93 19.45
C PRO C 103 22.49 27.69 19.36
N LEU C 104 22.52 26.90 20.42
CA LEU C 104 21.73 25.67 20.50
C LEU C 104 20.28 25.99 20.80
N ILE C 105 20.03 27.04 21.59
CA ILE C 105 18.64 27.49 21.81
C ILE C 105 18.04 27.91 20.45
N LYS C 106 18.83 28.67 19.71
CA LYS C 106 18.42 29.19 18.40
C LYS C 106 18.12 28.03 17.47
N SER C 107 19.03 27.06 17.39
CA SER C 107 18.84 25.90 16.52
C SER C 107 17.56 25.15 16.88
N TYR C 108 17.37 24.89 18.18
CA TYR C 108 16.19 24.14 18.61
C TYR C 108 14.90 24.88 18.27
N LEU C 109 14.87 26.19 18.56
CA LEU C 109 13.64 26.95 18.33
C LEU C 109 13.32 26.93 16.82
N PHE C 110 14.35 27.12 16.02
CA PHE C 110 14.23 27.05 14.56
C PHE C 110 13.58 25.75 14.08
N GLN C 111 14.16 24.64 14.54
CA GLN C 111 13.64 23.32 14.25
C GLN C 111 12.23 23.07 14.76
N LEU C 112 11.93 23.54 15.97
CA LEU C 112 10.61 23.37 16.54
C LEU C 112 9.59 24.12 15.67
N LEU C 113 9.95 25.32 15.25
CA LEU C 113 9.06 26.09 14.39
C LEU C 113 8.89 25.45 13.00
N GLN C 114 9.95 24.81 12.49
CA GLN C 114 9.81 24.09 11.21
C GLN C 114 8.80 22.96 11.36
N GLY C 115 8.92 22.20 12.46
CA GLY C 115 8.01 21.11 12.73
C GLY C 115 6.59 21.63 12.88
N LEU C 116 6.43 22.71 13.63
CA LEU C 116 5.12 23.25 13.93
C LEU C 116 4.50 23.87 12.68
N ALA C 117 5.31 24.56 11.88
CA ALA C 117 4.79 25.11 10.64
C ALA C 117 4.22 24.00 9.78
N PHE C 118 4.91 22.86 9.76
CA PHE C 118 4.46 21.74 8.96
C PHE C 118 3.10 21.23 9.48
N CYS C 119 2.98 21.09 10.81
CA CYS C 119 1.72 20.73 11.44
C CYS C 119 0.60 21.66 11.02
N HIS C 120 0.79 22.97 11.19
CA HIS C 120 -0.26 23.92 10.90
C HIS C 120 -0.63 23.94 9.43
N SER C 121 0.35 23.81 8.53
N SER C 121 0.36 23.80 8.54
CA SER C 121 0.10 23.77 7.09
CA SER C 121 0.12 23.78 7.10
C SER C 121 -0.63 22.49 6.66
C SER C 121 -0.61 22.50 6.66
N HIS C 122 -0.61 21.50 7.54
CA HIS C 122 -1.38 20.24 7.38
C HIS C 122 -2.57 20.15 8.35
N ARG C 123 -3.11 21.31 8.71
CA ARG C 123 -4.32 21.47 9.56
C ARG C 123 -4.31 20.64 10.84
N VAL C 124 -3.15 20.52 11.46
CA VAL C 124 -3.05 19.85 12.76
C VAL C 124 -2.63 20.84 13.85
N LEU C 125 -3.43 20.90 14.92
CA LEU C 125 -3.03 21.53 16.18
C LEU C 125 -2.40 20.49 17.09
N HIS C 126 -1.29 20.85 17.72
CA HIS C 126 -0.59 19.93 18.63
C HIS C 126 -1.24 19.93 20.01
N ARG C 127 -1.38 21.13 20.58
CA ARG C 127 -2.07 21.39 21.85
C ARG C 127 -1.46 20.76 23.10
N ASP C 128 -0.21 20.33 23.05
CA ASP C 128 0.45 19.91 24.29
C ASP C 128 1.97 20.06 24.16
N LEU C 129 2.39 21.20 23.63
CA LEU C 129 3.81 21.47 23.49
C LEU C 129 4.39 21.84 24.85
N LYS C 130 5.34 21.04 25.30
CA LYS C 130 6.05 21.26 26.54
C LYS C 130 7.38 20.52 26.45
N PRO C 131 8.36 20.91 27.27
CA PRO C 131 9.70 20.31 27.10
C PRO C 131 9.74 18.77 27.09
N GLN C 132 8.92 18.14 27.92
CA GLN C 132 8.93 16.68 27.98
C GLN C 132 8.37 16.01 26.72
N ASN C 133 7.61 16.76 25.91
CA ASN C 133 7.08 16.24 24.63
C ASN C 133 7.93 16.63 23.43
N LEU C 134 9.13 17.15 23.72
CA LEU C 134 10.06 17.48 22.68
C LEU C 134 11.30 16.60 22.90
N LEU C 135 11.62 15.84 21.86
CA LEU C 135 12.68 14.83 21.90
C LEU C 135 13.92 15.24 21.14
N ILE C 136 15.08 14.99 21.73
CA ILE C 136 16.33 15.34 21.07
C ILE C 136 17.23 14.12 20.82
N ASN C 137 17.98 14.17 19.72
CA ASN C 137 19.02 13.16 19.44
C ASN C 137 20.44 13.68 19.77
N THR C 138 21.49 12.90 19.52
CA THR C 138 22.84 13.30 19.92
C THR C 138 23.51 14.15 18.86
N GLU C 139 22.79 14.34 17.76
CA GLU C 139 23.29 15.07 16.61
C GLU C 139 22.63 16.43 16.45
N GLY C 140 21.93 16.88 17.48
CA GLY C 140 21.44 18.27 17.48
C GLY C 140 20.07 18.46 16.87
N ALA C 141 19.37 17.37 16.56
CA ALA C 141 17.98 17.49 16.12
C ALA C 141 17.06 17.54 17.32
N ILE C 142 15.93 18.21 17.12
CA ILE C 142 14.84 18.19 18.07
C ILE C 142 13.57 17.93 17.29
N LYS C 143 12.64 17.18 17.90
CA LYS C 143 11.42 16.76 17.23
C LYS C 143 10.18 16.90 18.10
N LEU C 144 9.08 17.31 17.47
CA LEU C 144 7.79 17.29 18.17
C LEU C 144 7.34 15.86 18.41
N ALA C 145 6.85 15.56 19.61
CA ALA C 145 6.32 14.24 19.91
C ALA C 145 5.04 14.33 20.74
N ASP C 146 4.51 13.16 21.08
N ASP C 146 4.49 13.16 21.04
CA ASP C 146 3.29 13.04 21.84
CA ASP C 146 3.29 13.01 21.86
C ASP C 146 2.13 13.85 21.28
C ASP C 146 2.11 13.82 21.31
N PHE C 147 1.56 13.28 20.23
CA PHE C 147 0.43 13.88 19.52
C PHE C 147 -0.90 13.34 20.01
N GLY C 148 -0.96 12.78 21.22
CA GLY C 148 -2.23 12.26 21.75
C GLY C 148 -3.29 13.32 22.00
N LEU C 149 -2.84 14.56 22.23
CA LEU C 149 -3.78 15.69 22.40
C LEU C 149 -4.03 16.49 21.11
N ALA C 150 -3.55 16.02 19.97
CA ALA C 150 -3.59 16.79 18.74
C ALA C 150 -4.97 16.70 18.15
N ARG C 151 -5.29 17.60 17.22
CA ARG C 151 -6.49 17.41 16.42
C ARG C 151 -6.44 18.13 15.06
N ALA C 152 -7.20 17.59 14.11
CA ALA C 152 -7.31 18.17 12.80
C ALA C 152 -8.28 19.34 12.94
N PHE C 153 -7.85 20.48 12.47
CA PHE C 153 -8.67 21.68 12.54
C PHE C 153 -9.21 22.09 11.20
N GLY C 154 -10.18 22.98 11.26
CA GLY C 154 -10.98 23.34 10.13
C GLY C 154 -10.72 24.80 9.83
N VAL C 155 -11.04 25.19 8.59
CA VAL C 155 -10.89 26.59 8.13
C VAL C 155 -12.27 27.10 7.80
N PRO C 156 -12.83 28.01 8.63
CA PRO C 156 -12.33 28.49 9.92
C PRO C 156 -12.63 27.47 11.02
N VAL C 157 -11.97 27.64 12.17
CA VAL C 157 -12.14 26.72 13.29
C VAL C 157 -13.56 26.74 13.89
N ARG C 158 -13.97 25.58 14.41
CA ARG C 158 -15.12 25.44 15.33
C ARG C 158 -14.60 25.58 16.78
N THR C 159 -15.52 25.60 17.74
CA THR C 159 -15.16 25.39 19.14
C THR C 159 -14.63 23.94 19.36
N TYR C 160 -13.49 23.84 20.07
CA TYR C 160 -12.85 22.55 20.35
C TYR C 160 -12.74 22.30 21.86
N HIS C 162 -11.94 22.15 25.63
CA HIS C 162 -11.40 23.17 26.53
C HIS C 162 -10.17 22.70 27.34
N GLU C 163 -10.13 21.43 27.73
CA GLU C 163 -9.09 20.93 28.63
C GLU C 163 -7.87 20.54 27.81
N VAL C 164 -7.07 21.55 27.49
CA VAL C 164 -6.09 21.42 26.45
C VAL C 164 -4.88 22.26 26.89
N VAL C 165 -3.71 21.67 26.69
CA VAL C 165 -2.39 22.22 27.01
C VAL C 165 -2.07 22.16 28.49
N THR C 166 -0.91 21.60 28.81
CA THR C 166 -0.45 21.50 30.19
C THR C 166 -0.37 22.93 30.72
N LEU C 167 -0.88 23.12 31.93
CA LEU C 167 -1.19 24.45 32.49
C LEU C 167 -0.15 25.55 32.23
N TRP C 168 1.12 25.25 32.50
CA TRP C 168 2.18 26.25 32.43
C TRP C 168 2.37 26.81 31.03
N TYR C 169 2.01 25.99 30.03
CA TYR C 169 2.23 26.29 28.61
C TYR C 169 0.97 26.75 27.90
N ARG C 170 -0.11 26.90 28.68
CA ARG C 170 -1.44 27.21 28.17
C ARG C 170 -1.68 28.69 27.84
N ALA C 171 -2.14 28.95 26.63
CA ALA C 171 -2.43 30.30 26.14
C ALA C 171 -3.56 31.00 26.90
N PRO C 172 -3.53 32.34 26.93
CA PRO C 172 -4.49 33.10 27.71
C PRO C 172 -5.92 33.01 27.17
N GLU C 173 -6.06 32.83 25.86
CA GLU C 173 -7.40 32.65 25.28
C GLU C 173 -8.08 31.36 25.80
N ILE C 174 -7.29 30.33 26.09
CA ILE C 174 -7.86 29.09 26.65
C ILE C 174 -8.22 29.37 28.11
N LEU C 175 -7.29 29.95 28.84
CA LEU C 175 -7.55 30.28 30.25
C LEU C 175 -8.77 31.20 30.44
N LEU C 176 -8.98 32.10 29.49
CA LEU C 176 -10.09 33.04 29.55
C LEU C 176 -11.41 32.50 28.95
N GLY C 177 -11.38 31.28 28.46
CA GLY C 177 -12.59 30.60 28.02
C GLY C 177 -13.14 31.04 26.67
N CYS C 178 -12.27 31.55 25.79
N CYS C 178 -12.26 31.52 25.79
CA CYS C 178 -12.74 32.00 24.48
CA CYS C 178 -12.61 31.91 24.42
C CYS C 178 -13.42 30.87 23.71
C CYS C 178 -13.44 30.83 23.72
N LYS C 179 -14.43 31.25 22.94
CA LYS C 179 -15.21 30.30 22.15
C LYS C 179 -14.30 29.60 21.15
N TYR C 180 -13.41 30.37 20.53
CA TYR C 180 -12.48 29.81 19.57
C TYR C 180 -11.04 29.96 19.98
N TYR C 181 -10.26 28.94 19.66
CA TYR C 181 -8.80 28.99 19.66
C TYR C 181 -8.25 28.14 18.47
N SER C 182 -6.99 28.36 18.12
CA SER C 182 -6.39 27.74 16.96
C SER C 182 -4.86 27.73 17.04
N THR C 183 -4.22 27.82 15.89
CA THR C 183 -2.78 27.65 15.74
C THR C 183 -1.99 28.50 16.71
N ALA C 184 -2.54 29.68 17.05
CA ALA C 184 -1.86 30.61 17.97
C ALA C 184 -1.57 29.96 19.31
N VAL C 185 -2.38 28.98 19.73
CA VAL C 185 -2.14 28.33 21.04
C VAL C 185 -0.80 27.59 21.08
N ASP C 186 -0.40 27.02 19.94
CA ASP C 186 0.86 26.28 19.88
C ASP C 186 2.06 27.25 19.86
N ILE C 187 1.88 28.40 19.21
CA ILE C 187 2.94 29.42 19.17
C ILE C 187 3.19 29.94 20.58
N TRP C 188 2.12 30.15 21.35
CA TRP C 188 2.23 30.58 22.73
C TRP C 188 3.13 29.63 23.52
N SER C 189 2.80 28.34 23.43
CA SER C 189 3.56 27.29 24.09
C SER C 189 5.05 27.32 23.73
N LEU C 190 5.35 27.41 22.44
CA LEU C 190 6.77 27.52 22.02
C LEU C 190 7.44 28.76 22.57
N GLY C 191 6.72 29.89 22.63
CA GLY C 191 7.21 31.10 23.33
C GLY C 191 7.62 30.84 24.76
N CYS C 192 6.76 30.16 25.50
CA CYS C 192 7.05 29.83 26.89
C CYS C 192 8.29 28.94 26.95
N ILE C 193 8.42 28.05 25.97
CA ILE C 193 9.54 27.12 25.95
C ILE C 193 10.85 27.85 25.60
N PHE C 194 10.76 28.79 24.64
CA PHE C 194 11.88 29.64 24.21
C PHE C 194 12.47 30.34 25.44
N ALA C 195 11.58 30.95 26.22
CA ALA C 195 11.99 31.67 27.45
C ALA C 195 12.59 30.73 28.48
N GLU C 196 12.00 29.55 28.62
CA GLU C 196 12.43 28.53 29.58
C GLU C 196 13.85 28.03 29.30
N MET C 197 14.16 27.86 28.01
CA MET C 197 15.51 27.54 27.59
C MET C 197 16.50 28.65 27.94
N VAL C 198 16.08 29.92 27.74
CA VAL C 198 16.99 31.07 27.94
C VAL C 198 17.18 31.40 29.41
N THR C 199 16.12 31.27 30.19
CA THR C 199 16.17 31.70 31.60
C THR C 199 16.53 30.53 32.50
N ARG C 200 16.40 29.31 31.99
CA ARG C 200 16.58 28.13 32.80
C ARG C 200 15.48 28.01 33.86
N ARG C 201 14.29 28.51 33.58
CA ARG C 201 13.13 28.27 34.43
C ARG C 201 11.83 28.57 33.69
N ALA C 202 10.77 27.84 34.05
CA ALA C 202 9.44 28.03 33.45
C ALA C 202 9.03 29.49 33.58
N LEU C 203 8.54 30.05 32.49
CA LEU C 203 8.18 31.45 32.42
C LEU C 203 6.94 31.78 33.26
N PHE C 204 5.91 30.93 33.19
CA PHE C 204 4.66 31.12 33.92
C PHE C 204 4.26 29.86 34.68
N PRO C 205 4.92 29.59 35.83
CA PRO C 205 4.61 28.32 36.48
C PRO C 205 3.44 28.44 37.48
N GLY C 206 2.22 28.56 36.96
CA GLY C 206 1.05 28.73 37.80
C GLY C 206 0.64 27.43 38.47
N ASP C 207 0.10 27.52 39.67
CA ASP C 207 -0.38 26.31 40.36
C ASP C 207 -1.92 26.18 40.31
N SER C 208 -2.57 26.98 39.45
CA SER C 208 -4.01 26.88 39.19
C SER C 208 -4.36 27.83 38.04
N GLU C 209 -5.56 27.69 37.48
CA GLU C 209 -5.91 28.47 36.28
C GLU C 209 -5.88 29.97 36.55
N ILE C 210 -6.36 30.35 37.72
CA ILE C 210 -6.34 31.76 38.10
C ILE C 210 -4.92 32.27 38.35
N ASP C 211 -4.13 31.46 39.04
CA ASP C 211 -2.74 31.79 39.33
C ASP C 211 -1.96 31.86 38.02
N GLN C 212 -2.26 30.95 37.10
CA GLN C 212 -1.59 30.95 35.81
C GLN C 212 -1.81 32.28 35.10
N LEU C 213 -3.07 32.75 35.05
CA LEU C 213 -3.40 34.02 34.40
C LEU C 213 -2.66 35.18 35.03
N PHE C 214 -2.69 35.25 36.35
CA PHE C 214 -2.08 36.37 37.05
C PHE C 214 -0.60 36.50 36.76
N ARG C 215 0.08 35.35 36.72
CA ARG C 215 1.49 35.30 36.41
C ARG C 215 1.75 35.81 35.00
N ILE C 216 0.86 35.47 34.08
CA ILE C 216 0.97 36.01 32.72
C ILE C 216 0.83 37.53 32.76
N PHE C 217 -0.26 38.01 33.40
CA PHE C 217 -0.52 39.45 33.51
C PHE C 217 0.63 40.18 34.18
N ARG C 218 1.22 39.56 35.19
CA ARG C 218 2.34 40.14 35.93
C ARG C 218 3.53 40.51 35.02
N THR C 219 3.70 39.75 33.95
CA THR C 219 4.85 39.88 33.08
C THR C 219 4.54 40.74 31.83
N LEU C 220 3.37 40.48 31.23
CA LEU C 220 2.99 41.10 29.96
C LEU C 220 2.04 42.27 30.16
N GLY C 221 1.61 42.50 31.41
CA GLY C 221 0.65 43.55 31.71
C GLY C 221 -0.76 43.01 31.58
N THR C 222 -1.65 43.42 32.49
CA THR C 222 -3.04 43.00 32.38
C THR C 222 -3.57 43.57 31.06
N PRO C 223 -4.13 42.71 30.18
CA PRO C 223 -4.59 43.22 28.89
C PRO C 223 -5.88 44.02 29.02
N ASP C 224 -6.01 45.06 28.18
CA ASP C 224 -7.21 45.86 28.10
C ASP C 224 -7.79 45.78 26.69
N GLU C 225 -8.82 46.58 26.42
CA GLU C 225 -9.47 46.60 25.12
C GLU C 225 -8.58 47.15 24.01
N VAL C 226 -7.65 48.03 24.37
CA VAL C 226 -6.69 48.59 23.42
C VAL C 226 -5.76 47.49 22.91
N VAL C 227 -5.03 46.86 23.81
CA VAL C 227 -4.07 45.79 23.44
C VAL C 227 -4.76 44.47 23.00
N TRP C 228 -5.93 44.17 23.56
CA TRP C 228 -6.65 42.95 23.18
C TRP C 228 -8.17 43.22 23.02
N PRO C 229 -8.57 43.76 21.86
CA PRO C 229 -9.97 44.05 21.56
C PRO C 229 -10.88 42.88 21.89
N GLY C 230 -11.79 43.10 22.82
CA GLY C 230 -12.79 42.09 23.20
C GLY C 230 -12.48 41.29 24.44
N VAL C 231 -11.30 41.50 25.03
CA VAL C 231 -10.85 40.73 26.20
C VAL C 231 -11.73 40.93 27.42
N THR C 232 -12.27 42.13 27.58
CA THR C 232 -13.01 42.47 28.78
C THR C 232 -14.42 41.88 28.75
N SER C 233 -14.80 41.31 27.60
CA SER C 233 -16.10 40.68 27.44
C SER C 233 -15.99 39.16 27.28
N MET C 234 -14.81 38.57 27.53
CA MET C 234 -14.63 37.11 27.38
C MET C 234 -15.08 36.39 28.66
N PRO C 235 -15.53 35.12 28.53
CA PRO C 235 -16.30 34.44 29.60
C PRO C 235 -15.63 34.35 30.98
N ASP C 236 -14.35 34.00 31.04
CA ASP C 236 -13.67 33.81 32.34
C ASP C 236 -12.88 35.04 32.82
N TYR C 237 -13.01 36.14 32.09
CA TYR C 237 -12.49 37.43 32.47
C TYR C 237 -13.29 38.04 33.62
N LYS C 238 -12.64 38.87 34.43
CA LYS C 238 -13.31 39.52 35.56
C LYS C 238 -12.87 40.99 35.67
N PRO C 239 -13.84 41.91 35.85
CA PRO C 239 -13.47 43.33 36.07
C PRO C 239 -12.54 43.53 37.28
N SER C 240 -12.63 42.62 38.25
CA SER C 240 -11.78 42.65 39.44
C SER C 240 -10.31 42.28 39.20
N PHE C 241 -9.94 41.90 37.99
CA PHE C 241 -8.54 41.60 37.68
C PHE C 241 -7.61 42.74 38.09
N PRO C 242 -6.54 42.42 38.84
CA PRO C 242 -5.55 43.47 39.15
C PRO C 242 -4.87 43.98 37.88
N LYS C 243 -4.76 45.30 37.73
CA LYS C 243 -4.15 45.91 36.55
C LYS C 243 -2.63 46.12 36.73
N TRP C 244 -1.83 45.21 36.16
CA TRP C 244 -0.36 45.32 36.15
C TRP C 244 0.16 45.97 34.86
N ALA C 245 1.20 46.77 34.99
CA ALA C 245 1.92 47.34 33.85
C ALA C 245 2.80 46.25 33.25
N ARG C 246 3.07 46.36 31.95
CA ARG C 246 3.90 45.38 31.24
C ARG C 246 5.39 45.52 31.66
N GLN C 247 6.09 44.40 31.66
CA GLN C 247 7.50 44.39 32.04
C GLN C 247 8.43 44.43 30.83
N ASP C 248 9.56 45.11 31.03
CA ASP C 248 10.56 45.30 30.00
C ASP C 248 11.25 43.96 29.74
N PHE C 249 11.39 43.57 28.48
CA PHE C 249 11.99 42.26 28.13
C PHE C 249 13.50 42.19 28.43
N SER C 250 14.14 43.31 28.75
CA SER C 250 15.48 43.27 29.35
C SER C 250 15.40 42.57 30.72
N LYS C 251 14.26 42.71 31.38
CA LYS C 251 14.04 42.13 32.69
C LYS C 251 13.55 40.71 32.54
N VAL C 252 12.64 40.50 31.58
CA VAL C 252 11.99 39.20 31.40
C VAL C 252 12.98 38.11 30.95
N VAL C 253 13.77 38.41 29.92
CA VAL C 253 14.77 37.48 29.38
C VAL C 253 16.10 38.24 29.19
N PRO C 254 16.77 38.57 30.31
CA PRO C 254 18.02 39.35 30.23
C PRO C 254 19.06 38.84 29.23
N PRO C 255 19.31 37.52 29.18
CA PRO C 255 20.37 37.05 28.28
C PRO C 255 20.12 37.21 26.77
N LEU C 256 18.87 37.45 26.36
CA LEU C 256 18.53 37.50 24.94
C LEU C 256 18.82 38.86 24.28
N ASP C 257 19.23 38.83 23.01
CA ASP C 257 19.44 40.05 22.21
C ASP C 257 18.12 40.67 21.73
N GLU C 258 18.21 41.85 21.11
CA GLU C 258 16.97 42.51 20.66
C GLU C 258 16.15 41.69 19.65
N ASP C 259 16.82 41.02 18.73
CA ASP C 259 16.15 40.11 17.79
C ASP C 259 15.37 39.05 18.54
N GLY C 260 16.03 38.43 19.52
CA GLY C 260 15.40 37.41 20.34
C GLY C 260 14.22 37.97 21.12
N ARG C 261 14.40 39.12 21.76
CA ARG C 261 13.30 39.75 22.51
C ARG C 261 12.10 40.09 21.63
N SER C 262 12.39 40.54 20.41
CA SER C 262 11.37 40.85 19.43
C SER C 262 10.59 39.59 19.09
N LEU C 263 11.32 38.55 18.68
CA LEU C 263 10.66 37.29 18.33
C LEU C 263 9.77 36.82 19.49
N LEU C 264 10.32 36.74 20.70
CA LEU C 264 9.55 36.30 21.88
C LEU C 264 8.30 37.15 22.13
N SER C 265 8.44 38.47 22.09
CA SER C 265 7.28 39.32 22.34
C SER C 265 6.16 39.00 21.33
N GLN C 266 6.55 38.67 20.10
CA GLN C 266 5.58 38.39 19.04
C GLN C 266 4.92 37.02 19.22
N MET C 267 5.63 36.09 19.83
CA MET C 267 5.08 34.75 20.17
C MET C 267 4.19 34.78 21.41
N LEU C 268 4.28 35.84 22.19
CA LEU C 268 3.43 35.99 23.38
C LEU C 268 2.47 37.18 23.29
N HIS C 269 2.22 37.60 22.04
CA HIS C 269 1.29 38.68 21.76
C HIS C 269 -0.07 38.24 22.30
N TYR C 270 -0.82 39.13 22.94
CA TYR C 270 -2.07 38.72 23.59
C TYR C 270 -3.16 38.27 22.60
N ASP C 271 -3.53 39.18 21.71
CA ASP C 271 -4.53 38.92 20.68
C ASP C 271 -4.03 37.79 19.75
N PRO C 272 -4.69 36.62 19.81
CA PRO C 272 -4.17 35.52 19.01
C PRO C 272 -4.20 35.81 17.50
N ASN C 273 -5.14 36.65 17.06
CA ASN C 273 -5.22 37.06 15.66
C ASN C 273 -3.97 37.76 15.18
N LYS C 274 -3.21 38.35 16.10
CA LYS C 274 -1.99 39.06 15.77
C LYS C 274 -0.72 38.41 16.32
N ARG C 275 -0.84 37.31 17.05
CA ARG C 275 0.33 36.55 17.48
C ARG C 275 1.04 35.99 16.24
N ILE C 276 2.36 36.01 16.25
CA ILE C 276 3.11 35.58 15.05
C ILE C 276 2.84 34.10 14.71
N SER C 277 2.78 33.80 13.41
CA SER C 277 2.68 32.42 12.93
C SER C 277 4.04 31.72 12.89
N ALA C 278 4.01 30.40 12.84
CA ALA C 278 5.27 29.62 12.79
C ALA C 278 6.05 29.98 11.53
N LYS C 279 5.37 30.04 10.39
CA LYS C 279 6.01 30.45 9.14
C LYS C 279 6.69 31.81 9.23
N ALA C 280 5.99 32.80 9.79
CA ALA C 280 6.51 34.16 9.89
C ALA C 280 7.69 34.22 10.87
N ALA C 281 7.63 33.38 11.89
CA ALA C 281 8.69 33.33 12.90
C ALA C 281 9.99 32.82 12.29
N LEU C 282 9.90 31.84 11.40
CA LEU C 282 11.06 31.33 10.69
C LEU C 282 11.76 32.40 9.84
N ALA C 283 11.01 33.45 9.45
CA ALA C 283 11.55 34.57 8.67
C ALA C 283 12.10 35.69 9.54
N HIS C 284 11.97 35.54 10.85
CA HIS C 284 12.43 36.60 11.76
C HIS C 284 13.96 36.75 11.74
N PRO C 285 14.47 38.00 11.77
CA PRO C 285 15.93 38.22 11.79
C PRO C 285 16.73 37.43 12.85
N PHE C 286 16.09 37.10 13.97
CA PHE C 286 16.73 36.26 15.01
C PHE C 286 17.39 35.00 14.45
N PHE C 287 16.81 34.42 13.39
CA PHE C 287 17.36 33.20 12.81
C PHE C 287 18.34 33.42 11.66
N GLN C 288 18.70 34.67 11.38
CA GLN C 288 19.58 34.95 10.27
C GLN C 288 20.87 34.12 10.32
N ASP C 289 21.45 33.96 11.51
CA ASP C 289 22.70 33.24 11.67
C ASP C 289 22.53 31.84 12.30
N VAL C 290 21.37 31.21 12.11
CA VAL C 290 21.10 29.93 12.76
C VAL C 290 22.06 28.86 12.25
N THR C 291 22.56 28.03 13.17
CA THR C 291 23.43 26.91 12.82
C THR C 291 22.77 25.63 13.32
N LYS C 292 23.45 24.49 13.22
CA LYS C 292 22.97 23.26 13.84
C LYS C 292 24.03 22.65 14.78
N PRO C 293 24.19 23.23 15.99
CA PRO C 293 25.16 22.66 16.93
C PRO C 293 24.68 21.32 17.56
N VAL C 294 25.65 20.50 17.95
CA VAL C 294 25.42 19.21 18.63
C VAL C 294 25.42 19.44 20.16
N PRO C 295 24.37 18.95 20.86
CA PRO C 295 24.25 19.21 22.31
C PRO C 295 25.34 18.51 23.15
N HIS C 296 25.56 19.00 24.37
CA HIS C 296 26.50 18.35 25.29
C HIS C 296 25.80 17.19 26.00
N LEU C 297 26.38 16.00 25.85
CA LEU C 297 25.80 14.76 26.40
C LEU C 297 26.86 13.67 26.57
N PRO D 4 -4.29 33.40 7.89
CA PRO D 4 -4.32 32.84 6.53
C PRO D 4 -3.00 32.29 5.96
N ASP D 5 -1.91 32.37 6.74
CA ASP D 5 -0.56 31.91 6.30
C ASP D 5 -0.61 30.46 5.82
N TYR D 6 -1.34 29.67 6.57
CA TYR D 6 -1.41 28.23 6.39
C TYR D 6 -2.75 27.83 5.73
N HIS D 7 -3.70 28.79 5.64
CA HIS D 7 -5.01 28.52 5.03
C HIS D 7 -4.88 28.08 3.58
N GLU D 8 -4.01 28.74 2.80
CA GLU D 8 -3.76 28.31 1.40
C GLU D 8 -3.08 26.95 1.36
N ASP D 9 -2.08 26.76 2.22
CA ASP D 9 -1.40 25.49 2.34
C ASP D 9 -2.39 24.37 2.66
N ILE D 10 -3.34 24.67 3.53
CA ILE D 10 -4.30 23.66 3.98
C ILE D 10 -5.15 23.26 2.78
N HIS D 11 -5.67 24.27 2.09
CA HIS D 11 -6.45 24.00 0.90
C HIS D 11 -5.68 23.11 -0.09
N THR D 12 -4.45 23.50 -0.40
CA THR D 12 -3.60 22.70 -1.30
C THR D 12 -3.45 21.26 -0.81
N TYR D 13 -3.27 21.10 0.48
CA TYR D 13 -3.06 19.78 1.04
C TYR D 13 -4.36 18.95 0.97
N LEU D 14 -5.49 19.58 1.25
CA LEU D 14 -6.77 18.88 1.23
C LEU D 14 -7.10 18.44 -0.19
N ARG D 15 -6.74 19.28 -1.15
CA ARG D 15 -6.93 18.93 -2.54
C ARG D 15 -6.06 17.72 -2.91
N GLU D 16 -4.88 17.62 -2.31
CA GLU D 16 -4.03 16.44 -2.53
C GLU D 16 -4.68 15.18 -1.92
N MET D 17 -5.14 15.33 -0.68
CA MET D 17 -5.63 14.19 0.06
C MET D 17 -6.98 13.67 -0.44
N GLU D 18 -7.88 14.55 -0.92
CA GLU D 18 -9.19 14.08 -1.32
C GLU D 18 -9.12 13.09 -2.48
N VAL D 19 -8.06 13.21 -3.29
CA VAL D 19 -7.79 12.29 -4.36
C VAL D 19 -7.36 10.91 -3.78
N LYS D 20 -6.56 10.92 -2.73
CA LYS D 20 -6.07 9.69 -2.10
C LYS D 20 -7.11 8.97 -1.25
N CYS D 21 -8.00 9.74 -0.62
N CYS D 21 -8.03 9.72 -0.67
CA CYS D 21 -9.05 9.23 0.30
CA CYS D 21 -9.01 9.17 0.25
C CYS D 21 -10.38 8.97 -0.45
C CYS D 21 -10.32 8.76 -0.46
N LYS D 22 -10.32 8.92 -1.78
CA LYS D 22 -11.50 8.67 -2.62
C LYS D 22 -11.81 7.18 -2.55
N PRO D 23 -13.11 6.81 -2.39
CA PRO D 23 -13.48 5.42 -2.52
C PRO D 23 -13.45 5.05 -3.99
N LYS D 24 -13.62 3.77 -4.29
CA LYS D 24 -13.71 3.30 -5.68
C LYS D 24 -15.12 3.56 -6.24
N VAL D 25 -15.21 4.41 -7.28
CA VAL D 25 -16.50 4.88 -7.80
C VAL D 25 -17.53 3.77 -8.09
N GLY D 26 -17.09 2.67 -8.72
CA GLY D 26 -18.02 1.64 -9.16
C GLY D 26 -18.19 0.45 -8.22
N TYR D 27 -17.86 0.64 -6.94
CA TYR D 27 -17.74 -0.49 -6.00
C TYR D 27 -19.06 -1.24 -5.78
N MET D 28 -20.19 -0.55 -5.84
CA MET D 28 -21.44 -1.21 -5.49
C MET D 28 -21.80 -2.35 -6.45
N LYS D 29 -21.36 -2.21 -7.70
CA LYS D 29 -21.64 -3.20 -8.74
C LYS D 29 -20.96 -4.50 -8.38
N LYS D 30 -19.88 -4.40 -7.64
CA LYS D 30 -19.13 -5.57 -7.19
C LYS D 30 -19.55 -6.11 -5.80
N GLN D 31 -20.56 -5.50 -5.17
CA GLN D 31 -21.13 -6.03 -3.93
C GLN D 31 -22.26 -6.98 -4.34
N PRO D 32 -22.12 -8.28 -3.98
CA PRO D 32 -23.16 -9.26 -4.37
C PRO D 32 -24.52 -9.06 -3.70
N ASP D 33 -24.56 -8.43 -2.52
CA ASP D 33 -25.79 -8.44 -1.71
C ASP D 33 -26.37 -7.09 -1.35
N ILE D 34 -25.58 -6.04 -1.40
CA ILE D 34 -26.04 -4.70 -1.06
C ILE D 34 -26.06 -3.81 -2.31
N THR D 35 -26.87 -2.75 -2.23
CA THR D 35 -27.08 -1.81 -3.34
C THR D 35 -26.97 -0.34 -2.95
N ASN D 36 -26.97 0.55 -3.95
CA ASN D 36 -27.04 1.99 -3.70
C ASN D 36 -28.27 2.40 -2.88
N SER D 37 -29.42 1.78 -3.18
CA SER D 37 -30.63 1.98 -2.41
C SER D 37 -30.45 1.67 -0.92
N MET D 38 -29.78 0.56 -0.61
CA MET D 38 -29.54 0.20 0.79
C MET D 38 -28.56 1.17 1.45
N ARG D 39 -27.56 1.61 0.69
CA ARG D 39 -26.62 2.61 1.18
C ARG D 39 -27.36 3.93 1.52
N ALA D 40 -28.30 4.32 0.66
CA ALA D 40 -29.12 5.51 0.90
C ALA D 40 -29.87 5.40 2.21
N ILE D 41 -30.48 4.24 2.43
CA ILE D 41 -31.22 3.99 3.65
C ILE D 41 -30.30 4.16 4.87
N LEU D 42 -29.09 3.62 4.76
CA LEU D 42 -28.10 3.67 5.83
C LEU D 42 -27.68 5.11 6.11
N VAL D 43 -27.39 5.88 5.07
CA VAL D 43 -26.88 7.22 5.26
C VAL D 43 -27.99 8.12 5.84
N ASP D 44 -29.21 7.96 5.34
CA ASP D 44 -30.35 8.72 5.88
C ASP D 44 -30.58 8.42 7.38
N TRP D 45 -30.38 7.19 7.78
CA TRP D 45 -30.42 6.83 9.20
C TRP D 45 -29.32 7.50 10.01
N LEU D 46 -28.12 7.53 9.46
CA LEU D 46 -26.98 8.18 10.15
C LEU D 46 -27.22 9.68 10.33
N VAL D 47 -27.92 10.30 9.38
CA VAL D 47 -28.40 11.67 9.54
C VAL D 47 -29.22 11.79 10.83
N GLU D 48 -30.17 10.90 11.01
CA GLU D 48 -31.00 10.89 12.22
C GLU D 48 -30.18 10.69 13.50
N VAL D 49 -29.25 9.74 13.41
CA VAL D 49 -28.36 9.46 14.56
C VAL D 49 -27.59 10.72 14.91
N GLY D 50 -27.07 11.41 13.91
CA GLY D 50 -26.32 12.65 14.17
C GLY D 50 -27.18 13.68 14.86
N GLU D 51 -28.44 13.79 14.41
CA GLU D 51 -29.40 14.67 15.11
C GLU D 51 -29.65 14.30 16.57
N GLU D 52 -29.90 13.02 16.82
CA GLU D 52 -30.21 12.54 18.15
C GLU D 52 -29.11 12.88 19.15
N TYR D 53 -27.86 12.71 18.74
CA TYR D 53 -26.72 12.87 19.66
C TYR D 53 -26.07 14.23 19.52
N LYS D 54 -26.71 15.11 18.75
CA LYS D 54 -26.25 16.46 18.50
C LYS D 54 -24.80 16.54 17.99
N LEU D 55 -24.51 15.70 17.01
CA LEU D 55 -23.16 15.58 16.45
C LEU D 55 -22.99 16.60 15.33
N GLN D 56 -21.73 16.95 15.07
CA GLN D 56 -21.37 17.84 14.01
C GLN D 56 -21.74 17.26 12.65
N ASN D 57 -22.06 18.13 11.71
CA ASN D 57 -22.19 17.68 10.32
C ASN D 57 -20.91 17.03 9.79
N GLU D 58 -19.76 17.56 10.19
CA GLU D 58 -18.47 16.99 9.79
C GLU D 58 -18.41 15.49 10.14
N THR D 59 -18.87 15.16 11.33
CA THR D 59 -18.88 13.76 11.81
C THR D 59 -19.65 12.85 10.84
N LEU D 60 -20.83 13.30 10.43
CA LEU D 60 -21.58 12.53 9.47
C LEU D 60 -20.84 12.37 8.16
N HIS D 61 -20.24 13.45 7.66
CA HIS D 61 -19.45 13.42 6.42
C HIS D 61 -18.31 12.41 6.51
N LEU D 62 -17.58 12.45 7.60
CA LEU D 62 -16.51 11.49 7.81
C LEU D 62 -17.02 10.04 7.79
N ALA D 63 -18.09 9.78 8.54
CA ALA D 63 -18.67 8.42 8.63
C ALA D 63 -18.97 7.88 7.24
N VAL D 64 -19.54 8.72 6.37
CA VAL D 64 -19.89 8.29 5.01
C VAL D 64 -18.60 7.96 4.21
N ASN D 65 -17.60 8.82 4.35
CA ASN D 65 -16.28 8.55 3.75
C ASN D 65 -15.75 7.16 4.16
N TYR D 66 -15.81 6.87 5.45
CA TYR D 66 -15.29 5.60 6.00
C TYR D 66 -16.07 4.41 5.45
N ILE D 67 -17.39 4.54 5.43
CA ILE D 67 -18.25 3.48 4.89
C ILE D 67 -17.93 3.19 3.43
N ASP D 68 -17.86 4.22 2.59
CA ASP D 68 -17.59 3.99 1.15
C ASP D 68 -16.22 3.39 0.90
N ARG D 69 -15.22 3.84 1.65
CA ARG D 69 -13.91 3.23 1.54
C ARG D 69 -13.94 1.77 2.01
N PHE D 70 -14.61 1.49 3.11
CA PHE D 70 -14.70 0.13 3.61
C PHE D 70 -15.40 -0.82 2.60
N LEU D 71 -16.55 -0.38 2.09
CA LEU D 71 -17.29 -1.20 1.13
C LEU D 71 -16.58 -1.27 -0.22
N SER D 72 -15.66 -0.35 -0.48
CA SER D 72 -14.82 -0.43 -1.68
C SER D 72 -13.92 -1.66 -1.68
N SER D 73 -13.54 -2.16 -0.50
CA SER D 73 -12.64 -3.33 -0.48
C SER D 73 -13.14 -4.56 0.25
N MET D 74 -14.32 -4.50 0.86
CA MET D 74 -14.86 -5.60 1.67
C MET D 74 -16.29 -5.89 1.27
N SER D 75 -16.52 -7.13 0.83
CA SER D 75 -17.86 -7.60 0.55
C SER D 75 -18.65 -7.69 1.85
N VAL D 76 -19.87 -7.14 1.90
CA VAL D 76 -20.66 -7.10 3.13
C VAL D 76 -22.11 -7.57 2.85
N LEU D 77 -22.60 -8.51 3.65
CA LEU D 77 -24.02 -8.95 3.53
C LEU D 77 -24.93 -7.86 4.10
N ARG D 78 -26.14 -7.78 3.56
CA ARG D 78 -27.07 -6.75 4.01
C ARG D 78 -27.31 -6.69 5.52
N GLY D 79 -27.34 -7.84 6.18
CA GLY D 79 -27.55 -7.89 7.63
C GLY D 79 -26.41 -7.33 8.49
N LYS D 80 -25.24 -7.13 7.87
CA LYS D 80 -24.09 -6.48 8.53
C LYS D 80 -23.85 -5.02 8.11
N LEU D 81 -24.59 -4.53 7.12
CA LEU D 81 -24.41 -3.14 6.65
C LEU D 81 -24.58 -2.09 7.76
N GLN D 82 -25.62 -2.25 8.56
CA GLN D 82 -25.84 -1.35 9.70
C GLN D 82 -24.70 -1.44 10.73
N LEU D 83 -24.09 -2.61 10.91
CA LEU D 83 -22.91 -2.73 11.79
C LEU D 83 -21.73 -1.94 11.27
N VAL D 84 -21.46 -2.06 9.98
CA VAL D 84 -20.43 -1.24 9.35
C VAL D 84 -20.70 0.25 9.57
N GLY D 85 -21.92 0.68 9.32
CA GLY D 85 -22.26 2.10 9.47
C GLY D 85 -22.13 2.60 10.91
N THR D 86 -22.54 1.74 11.84
CA THR D 86 -22.52 2.07 13.24
C THR D 86 -21.08 2.26 13.72
N ALA D 87 -20.24 1.31 13.39
CA ALA D 87 -18.81 1.40 13.71
C ALA D 87 -18.15 2.63 13.04
N ALA D 88 -18.53 2.91 11.79
CA ALA D 88 -18.03 4.08 11.11
C ALA D 88 -18.43 5.39 11.83
N MET D 89 -19.68 5.46 12.29
CA MET D 89 -20.14 6.66 13.01
C MET D 89 -19.44 6.80 14.38
N LEU D 90 -19.19 5.67 15.03
CA LEU D 90 -18.44 5.66 16.29
C LEU D 90 -17.03 6.20 16.07
N LEU D 91 -16.37 5.67 15.07
CA LEU D 91 -15.01 6.16 14.71
C LEU D 91 -14.98 7.65 14.36
N ALA D 92 -15.94 8.08 13.53
CA ALA D 92 -16.01 9.47 13.13
C ALA D 92 -16.23 10.33 14.36
N SER D 93 -17.09 9.88 15.28
CA SER D 93 -17.35 10.62 16.53
C SER D 93 -16.09 10.73 17.37
N LYS D 94 -15.36 9.61 17.50
CA LYS D 94 -14.12 9.62 18.28
C LYS D 94 -13.08 10.60 17.68
N PHE D 95 -13.02 10.65 16.36
CA PHE D 95 -12.08 11.51 15.64
C PHE D 95 -12.47 12.97 15.84
N GLU D 96 -13.75 13.27 15.64
CA GLU D 96 -14.16 14.64 15.39
C GLU D 96 -14.79 15.31 16.61
N GLU D 97 -15.43 14.55 17.51
CA GLU D 97 -16.23 15.16 18.55
C GLU D 97 -15.47 15.44 19.83
N ILE D 98 -15.93 16.46 20.55
CA ILE D 98 -15.43 16.71 21.90
C ILE D 98 -15.90 15.60 22.84
N TYR D 99 -17.20 15.29 22.79
CA TYR D 99 -17.80 14.25 23.63
C TYR D 99 -18.49 13.24 22.73
N PRO D 100 -17.72 12.26 22.25
CA PRO D 100 -18.37 11.20 21.46
C PRO D 100 -19.36 10.38 22.31
N PRO D 101 -20.45 9.91 21.71
CA PRO D 101 -21.32 9.00 22.50
C PRO D 101 -20.60 7.71 22.89
N GLU D 102 -20.94 7.15 24.05
CA GLU D 102 -20.32 5.90 24.48
C GLU D 102 -20.85 4.75 23.62
N VAL D 103 -20.11 3.66 23.63
CA VAL D 103 -20.37 2.55 22.71
C VAL D 103 -21.77 2.01 22.97
N ALA D 104 -22.18 2.00 24.24
CA ALA D 104 -23.49 1.53 24.63
C ALA D 104 -24.60 2.30 23.91
N GLU D 105 -24.38 3.59 23.62
CA GLU D 105 -25.34 4.37 22.83
C GLU D 105 -25.44 3.85 21.39
N PHE D 106 -24.31 3.50 20.81
CA PHE D 106 -24.30 2.93 19.46
C PHE D 106 -24.98 1.53 19.39
N VAL D 107 -24.91 0.78 20.48
CA VAL D 107 -25.66 -0.46 20.57
C VAL D 107 -27.16 -0.14 20.67
N TYR D 108 -27.52 0.76 21.59
CA TYR D 108 -28.92 1.18 21.79
C TYR D 108 -29.58 1.58 20.47
N ILE D 109 -28.84 2.35 19.66
CA ILE D 109 -29.45 3.02 18.51
C ILE D 109 -29.79 2.05 17.36
N THR D 110 -29.21 0.84 17.42
CA THR D 110 -29.55 -0.20 16.47
C THR D 110 -30.67 -1.11 16.96
N ASP D 111 -31.26 -0.77 18.13
CA ASP D 111 -32.21 -1.62 18.89
C ASP D 111 -31.56 -2.98 19.30
N ASP D 112 -30.31 -2.92 19.72
CA ASP D 112 -29.54 -4.11 20.07
C ASP D 112 -29.48 -5.17 18.96
N THR D 113 -29.46 -4.72 17.71
CA THR D 113 -29.27 -5.62 16.59
C THR D 113 -27.93 -6.32 16.69
N TYR D 114 -26.94 -5.57 17.21
CA TYR D 114 -25.61 -6.09 17.41
C TYR D 114 -25.23 -5.93 18.86
N THR D 115 -24.26 -6.71 19.29
CA THR D 115 -23.74 -6.57 20.64
C THR D 115 -22.62 -5.52 20.69
N LYS D 116 -22.32 -5.05 21.88
CA LYS D 116 -21.14 -4.23 22.12
C LYS D 116 -19.87 -4.86 21.56
N LYS D 117 -19.68 -6.16 21.82
CA LYS D 117 -18.53 -6.90 21.28
C LYS D 117 -18.44 -6.80 19.76
N GLN D 118 -19.57 -6.99 19.07
CA GLN D 118 -19.61 -6.89 17.63
C GLN D 118 -19.22 -5.48 17.15
N VAL D 119 -19.77 -4.46 17.79
CA VAL D 119 -19.46 -3.09 17.43
C VAL D 119 -17.96 -2.81 17.58
N LEU D 120 -17.39 -3.26 18.69
CA LEU D 120 -15.95 -3.03 18.94
C LEU D 120 -15.07 -3.88 18.00
N ARG D 121 -15.48 -5.10 17.68
CA ARG D 121 -14.74 -5.90 16.70
C ARG D 121 -14.82 -5.27 15.31
N MET D 122 -15.99 -4.74 14.95
CA MET D 122 -16.13 -4.02 13.67
C MET D 122 -15.29 -2.75 13.67
N GLU D 123 -15.27 -2.03 14.77
CA GLU D 123 -14.37 -0.87 14.87
C GLU D 123 -12.91 -1.26 14.54
N HIS D 124 -12.41 -2.32 15.16
CA HIS D 124 -11.06 -2.86 14.85
C HIS D 124 -10.91 -3.15 13.34
N LEU D 125 -11.88 -3.84 12.76
CA LEU D 125 -11.82 -4.22 11.35
C LEU D 125 -11.83 -2.98 10.43
N VAL D 126 -12.68 -1.99 10.74
CA VAL D 126 -12.75 -0.77 9.94
C VAL D 126 -11.38 -0.04 10.00
N LEU D 127 -10.84 0.09 11.21
CA LEU D 127 -9.53 0.70 11.36
C LEU D 127 -8.46 -0.02 10.54
N LYS D 128 -8.50 -1.36 10.56
CA LYS D 128 -7.53 -2.18 9.83
C LYS D 128 -7.68 -1.92 8.34
N VAL D 129 -8.93 -2.00 7.85
CA VAL D 129 -9.19 -1.82 6.43
C VAL D 129 -8.82 -0.44 5.90
N LEU D 130 -9.11 0.58 6.70
CA LEU D 130 -8.77 1.96 6.35
C LEU D 130 -7.34 2.35 6.76
N THR D 131 -6.57 1.37 7.24
CA THR D 131 -5.21 1.58 7.74
C THR D 131 -5.06 2.83 8.61
N PHE D 132 -6.02 2.98 9.51
CA PHE D 132 -6.07 4.08 10.47
C PHE D 132 -6.08 5.47 9.84
N ASP D 133 -6.37 5.57 8.54
CA ASP D 133 -6.32 6.83 7.80
C ASP D 133 -7.69 7.47 7.85
N LEU D 134 -7.94 8.15 8.97
CA LEU D 134 -9.29 8.68 9.27
C LEU D 134 -9.46 10.17 9.04
N ALA D 135 -8.37 10.88 8.79
CA ALA D 135 -8.44 12.34 8.61
C ALA D 135 -8.73 12.74 7.14
N ALA D 136 -9.88 12.30 6.66
CA ALA D 136 -10.27 12.48 5.27
C ALA D 136 -10.87 13.85 5.05
N PRO D 137 -10.58 14.45 3.88
CA PRO D 137 -11.28 15.67 3.42
C PRO D 137 -12.73 15.36 3.11
N THR D 138 -13.59 16.32 3.41
CA THR D 138 -15.02 16.20 3.22
C THR D 138 -15.54 17.38 2.44
N VAL D 139 -16.74 17.23 1.88
CA VAL D 139 -17.42 18.37 1.25
C VAL D 139 -17.49 19.55 2.24
N ASN D 140 -17.79 19.24 3.49
CA ASN D 140 -17.95 20.25 4.54
C ASN D 140 -16.68 21.08 4.74
N GLN D 141 -15.52 20.40 4.77
CA GLN D 141 -14.26 21.12 4.93
C GLN D 141 -13.95 22.10 3.79
N PHE D 142 -14.34 21.77 2.57
CA PHE D 142 -14.20 22.70 1.46
C PHE D 142 -15.23 23.88 1.50
N LEU D 143 -16.49 23.57 1.78
CA LEU D 143 -17.56 24.57 1.85
C LEU D 143 -17.18 25.67 2.82
N THR D 144 -16.65 25.23 3.95
CA THR D 144 -16.40 26.08 5.07
C THR D 144 -15.31 27.12 4.69
N GLN D 145 -14.35 26.69 3.87
CA GLN D 145 -13.37 27.61 3.24
C GLN D 145 -13.97 28.51 2.16
N TYR D 146 -14.81 27.92 1.31
CA TYR D 146 -15.47 28.69 0.26
C TYR D 146 -16.38 29.81 0.82
N PHE D 147 -16.98 29.58 1.99
CA PHE D 147 -17.87 30.56 2.63
C PHE D 147 -17.14 31.88 2.92
N LEU D 148 -15.83 31.79 3.09
CA LEU D 148 -15.03 32.98 3.38
C LEU D 148 -14.97 33.95 2.17
N HIS D 149 -15.42 33.48 1.01
CA HIS D 149 -15.40 34.27 -0.22
C HIS D 149 -16.80 34.83 -0.60
N GLN D 150 -17.67 34.96 0.40
CA GLN D 150 -18.96 35.64 0.20
C GLN D 150 -18.81 37.16 0.25
N GLN D 151 -19.60 37.87 -0.56
CA GLN D 151 -19.57 39.32 -0.61
C GLN D 151 -20.98 39.89 -0.39
N PRO D 152 -21.39 40.06 0.90
CA PRO D 152 -20.77 39.65 2.16
C PRO D 152 -21.38 38.33 2.63
N ALA D 153 -21.00 37.88 3.83
CA ALA D 153 -21.47 36.60 4.36
C ALA D 153 -23.00 36.57 4.52
N ASN D 154 -23.60 35.50 4.02
CA ASN D 154 -25.04 35.30 4.03
C ASN D 154 -25.32 33.96 4.72
N CYS D 155 -26.05 34.06 5.83
N CYS D 155 -26.04 33.99 5.83
CA CYS D 155 -26.47 32.93 6.67
CA CYS D 155 -26.29 32.78 6.60
C CYS D 155 -27.14 31.80 5.87
C CYS D 155 -27.15 31.74 5.86
N LYS D 156 -28.08 32.20 5.03
CA LYS D 156 -28.92 31.30 4.23
C LYS D 156 -28.17 30.61 3.11
N VAL D 157 -27.27 31.35 2.45
CA VAL D 157 -26.41 30.76 1.43
C VAL D 157 -25.62 29.61 2.08
N GLU D 158 -25.09 29.87 3.28
CA GLU D 158 -24.23 28.89 3.97
C GLU D 158 -25.03 27.68 4.34
N SER D 159 -26.18 27.91 4.99
CA SER D 159 -27.03 26.80 5.35
C SER D 159 -27.51 26.06 4.09
N LEU D 160 -27.91 26.79 3.05
CA LEU D 160 -28.37 26.09 1.85
C LEU D 160 -27.25 25.24 1.20
N ALA D 161 -26.04 25.79 1.19
CA ALA D 161 -24.90 25.07 0.63
C ALA D 161 -24.67 23.77 1.41
N MET D 162 -24.73 23.88 2.74
CA MET D 162 -24.62 22.69 3.58
C MET D 162 -25.66 21.62 3.24
N PHE D 163 -26.92 22.05 3.16
CA PHE D 163 -28.05 21.20 2.84
C PHE D 163 -27.82 20.43 1.54
N LEU D 164 -27.47 21.14 0.49
CA LEU D 164 -27.13 20.51 -0.79
C LEU D 164 -25.96 19.54 -0.68
N GLY D 165 -24.89 19.95 -0.01
CA GLY D 165 -23.74 19.08 0.24
C GLY D 165 -24.14 17.78 0.92
N GLU D 166 -25.04 17.91 1.90
CA GLU D 166 -25.59 16.74 2.61
C GLU D 166 -26.44 15.82 1.76
N LEU D 167 -27.33 16.39 0.94
CA LEU D 167 -28.12 15.60 0.00
C LEU D 167 -27.24 14.69 -0.85
N SER D 168 -26.08 15.21 -1.24
CA SER D 168 -25.15 14.47 -2.10
C SER D 168 -24.61 13.18 -1.43
N LEU D 169 -24.53 13.14 -0.11
CA LEU D 169 -24.09 11.93 0.62
C LEU D 169 -25.03 10.74 0.44
N ILE D 170 -26.29 11.02 0.20
CA ILE D 170 -27.30 9.97 0.14
C ILE D 170 -27.22 9.08 -1.11
N ASP D 171 -26.84 9.67 -2.24
CA ASP D 171 -26.95 9.04 -3.56
C ASP D 171 -25.58 8.78 -4.15
N ALA D 172 -25.12 7.54 -4.03
CA ALA D 172 -23.79 7.19 -4.48
C ALA D 172 -23.64 7.35 -6.00
N ASP D 173 -24.71 7.05 -6.73
CA ASP D 173 -24.87 7.45 -8.12
C ASP D 173 -25.75 8.69 -8.13
N PRO D 174 -25.22 9.83 -8.60
CA PRO D 174 -23.96 10.10 -9.30
C PRO D 174 -22.77 10.55 -8.46
N TYR D 175 -22.96 10.82 -7.17
CA TYR D 175 -22.00 11.69 -6.44
C TYR D 175 -20.64 11.12 -6.14
N LEU D 176 -20.50 9.78 -6.15
CA LEU D 176 -19.17 9.20 -6.04
C LEU D 176 -18.28 9.53 -7.23
N LYS D 177 -18.89 10.03 -8.32
CA LYS D 177 -18.16 10.47 -9.52
C LYS D 177 -17.34 11.71 -9.27
N TYR D 178 -17.69 12.49 -8.24
CA TYR D 178 -17.09 13.82 -8.06
C TYR D 178 -16.29 13.92 -6.77
N LEU D 179 -15.26 14.76 -6.77
CA LEU D 179 -14.47 14.98 -5.56
C LEU D 179 -15.23 15.91 -4.63
N PRO D 180 -14.94 15.81 -3.32
CA PRO D 180 -15.55 16.72 -2.35
C PRO D 180 -15.43 18.20 -2.72
N SER D 181 -14.28 18.60 -3.26
CA SER D 181 -14.02 20.01 -3.54
C SER D 181 -14.92 20.54 -4.68
N VAL D 182 -15.24 19.63 -5.61
CA VAL D 182 -16.10 19.92 -6.75
C VAL D 182 -17.57 19.94 -6.31
N ILE D 183 -17.97 18.94 -5.52
CA ILE D 183 -19.33 18.93 -4.96
C ILE D 183 -19.58 20.18 -4.12
N ALA D 184 -18.60 20.55 -3.30
CA ALA D 184 -18.69 21.79 -2.51
C ALA D 184 -18.82 23.03 -3.42
N GLY D 185 -18.17 23.00 -4.56
CA GLY D 185 -18.20 24.16 -5.49
C GLY D 185 -19.56 24.27 -6.12
N ALA D 186 -20.08 23.13 -6.59
CA ALA D 186 -21.43 23.11 -7.14
C ALA D 186 -22.43 23.58 -6.08
N ALA D 187 -22.29 23.06 -4.86
CA ALA D 187 -23.23 23.38 -3.78
C ALA D 187 -23.19 24.86 -3.41
N PHE D 188 -21.99 25.42 -3.32
CA PHE D 188 -21.81 26.83 -2.99
C PHE D 188 -22.40 27.75 -4.10
N HIS D 189 -22.05 27.48 -5.36
CA HIS D 189 -22.65 28.21 -6.48
C HIS D 189 -24.17 28.06 -6.52
N LEU D 190 -24.69 26.84 -6.37
CA LEU D 190 -26.13 26.63 -6.46
C LEU D 190 -26.85 27.38 -5.34
N ALA D 191 -26.28 27.37 -4.15
CA ALA D 191 -26.89 28.05 -2.99
C ALA D 191 -26.89 29.57 -3.18
N LEU D 192 -25.74 30.11 -3.57
CA LEU D 192 -25.56 31.53 -3.82
C LEU D 192 -26.51 32.07 -4.88
N TYR D 193 -26.66 31.32 -5.97
CA TYR D 193 -27.55 31.70 -7.08
C TYR D 193 -29.01 31.63 -6.66
N THR D 194 -29.33 30.60 -5.88
CA THR D 194 -30.69 30.40 -5.38
C THR D 194 -31.09 31.54 -4.46
N VAL D 195 -30.21 31.90 -3.54
CA VAL D 195 -30.58 32.85 -2.49
C VAL D 195 -30.42 34.29 -2.94
N THR D 196 -29.29 34.62 -3.54
CA THR D 196 -28.99 36.01 -3.88
C THR D 196 -28.90 36.33 -5.37
N GLY D 197 -28.88 35.31 -6.23
CA GLY D 197 -28.74 35.51 -7.67
C GLY D 197 -27.31 35.56 -8.18
N GLN D 198 -26.35 35.62 -7.24
CA GLN D 198 -24.93 35.69 -7.59
C GLN D 198 -24.39 34.33 -8.02
N SER D 199 -23.13 34.33 -8.46
CA SER D 199 -22.51 33.15 -9.03
C SER D 199 -21.15 32.91 -8.43
N TRP D 200 -20.68 31.69 -8.62
CA TRP D 200 -19.33 31.27 -8.34
C TRP D 200 -18.38 32.45 -8.58
N PRO D 201 -17.84 33.03 -7.49
CA PRO D 201 -17.04 34.26 -7.59
C PRO D 201 -15.63 34.06 -8.16
N GLU D 202 -15.10 35.12 -8.76
CA GLU D 202 -13.74 35.10 -9.32
C GLU D 202 -12.66 34.71 -8.28
N SER D 203 -12.81 35.20 -7.06
CA SER D 203 -11.86 34.89 -5.99
C SER D 203 -11.76 33.38 -5.76
N LEU D 204 -12.86 32.66 -5.95
CA LEU D 204 -12.84 31.19 -5.82
C LEU D 204 -12.39 30.51 -7.10
N ILE D 205 -12.66 31.11 -8.24
CA ILE D 205 -12.07 30.61 -9.47
C ILE D 205 -10.53 30.64 -9.32
N ARG D 206 -10.02 31.74 -8.77
CA ARG D 206 -8.57 31.88 -8.57
C ARG D 206 -8.07 30.89 -7.52
N LYS D 207 -8.77 30.82 -6.39
CA LYS D 207 -8.41 29.90 -5.30
C LYS D 207 -8.38 28.44 -5.74
N THR D 208 -9.42 28.02 -6.45
CA THR D 208 -9.65 26.58 -6.70
C THR D 208 -9.17 26.10 -8.06
N GLY D 209 -9.09 27.03 -9.00
CA GLY D 209 -8.79 26.68 -10.37
C GLY D 209 -10.02 26.20 -11.12
N TYR D 210 -11.17 26.16 -10.44
CA TYR D 210 -12.41 25.68 -11.05
C TYR D 210 -13.18 26.81 -11.68
N THR D 211 -13.58 26.63 -12.92
CA THR D 211 -14.51 27.57 -13.55
C THR D 211 -15.92 27.10 -13.31
N LEU D 212 -16.88 27.99 -13.48
CA LEU D 212 -18.28 27.60 -13.46
C LEU D 212 -18.51 26.45 -14.47
N GLU D 213 -17.85 26.52 -15.62
CA GLU D 213 -17.93 25.45 -16.64
C GLU D 213 -17.36 24.12 -16.16
N SER D 214 -16.27 24.17 -15.40
CA SER D 214 -15.69 22.95 -14.86
C SER D 214 -16.68 22.27 -13.89
N LEU D 215 -17.48 23.08 -13.22
CA LEU D 215 -18.43 22.55 -12.23
C LEU D 215 -19.73 22.12 -12.87
N LYS D 216 -19.93 22.47 -14.14
CA LYS D 216 -21.22 22.30 -14.80
C LYS D 216 -21.81 20.89 -14.63
N PRO D 217 -21.04 19.84 -14.95
CA PRO D 217 -21.61 18.49 -14.81
C PRO D 217 -22.12 18.16 -13.38
N CYS D 218 -21.33 18.48 -12.37
CA CYS D 218 -21.78 18.30 -11.00
C CYS D 218 -23.00 19.17 -10.70
N LEU D 219 -22.97 20.41 -11.19
N LEU D 219 -22.97 20.43 -11.16
CA LEU D 219 -24.06 21.35 -10.97
CA LEU D 219 -24.09 21.36 -10.94
C LEU D 219 -25.40 20.84 -11.50
C LEU D 219 -25.41 20.84 -11.50
N MET D 220 -25.36 20.19 -12.66
CA MET D 220 -26.59 19.75 -13.32
C MET D 220 -27.19 18.59 -12.56
N ASP D 221 -26.33 17.70 -12.07
CA ASP D 221 -26.78 16.64 -11.16
C ASP D 221 -27.39 17.20 -9.87
N LEU D 222 -26.70 18.14 -9.24
CA LEU D 222 -27.12 18.67 -7.93
C LEU D 222 -28.41 19.45 -8.08
N HIS D 223 -28.55 20.10 -9.23
CA HIS D 223 -29.78 20.85 -9.52
C HIS D 223 -30.98 19.89 -9.56
N GLN D 224 -30.80 18.73 -10.21
CA GLN D 224 -31.90 17.75 -10.29
C GLN D 224 -32.18 17.15 -8.92
N THR D 225 -31.12 16.85 -8.18
CA THR D 225 -31.30 16.33 -6.83
C THR D 225 -32.12 17.30 -6.01
N TYR D 226 -31.80 18.59 -6.13
CA TYR D 226 -32.51 19.65 -5.42
C TYR D 226 -33.97 19.72 -5.86
N LEU D 227 -34.18 19.76 -7.17
CA LEU D 227 -35.55 19.80 -7.72
C LEU D 227 -36.38 18.58 -7.29
N LYS D 228 -35.76 17.40 -7.29
CA LYS D 228 -36.47 16.15 -6.95
C LYS D 228 -36.49 15.78 -5.46
N ALA D 229 -35.83 16.57 -4.61
CA ALA D 229 -35.64 16.18 -3.20
C ALA D 229 -36.96 15.83 -2.48
N PRO D 230 -38.00 16.67 -2.65
CA PRO D 230 -39.29 16.43 -1.98
C PRO D 230 -39.96 15.08 -2.26
N GLN D 231 -39.61 14.46 -3.40
CA GLN D 231 -40.11 13.12 -3.74
C GLN D 231 -39.11 11.98 -3.48
N HIS D 232 -37.85 12.31 -3.19
CA HIS D 232 -36.88 11.30 -2.82
C HIS D 232 -37.38 10.42 -1.64
N ALA D 233 -37.01 9.14 -1.67
CA ALA D 233 -37.45 8.18 -0.68
C ALA D 233 -36.87 8.47 0.72
N GLN D 234 -35.68 9.07 0.74
CA GLN D 234 -35.02 9.52 1.96
C GLN D 234 -35.22 11.01 2.14
N GLN D 235 -35.65 11.36 3.36
CA GLN D 235 -36.16 12.70 3.70
C GLN D 235 -35.55 13.30 4.98
N SER D 236 -34.65 12.59 5.66
CA SER D 236 -34.13 13.11 6.95
C SER D 236 -33.36 14.40 6.85
N ILE D 237 -32.68 14.63 5.74
CA ILE D 237 -31.94 15.88 5.54
C ILE D 237 -32.91 17.05 5.34
N ARG D 238 -33.93 16.85 4.50
CA ARG D 238 -34.98 17.87 4.38
C ARG D 238 -35.61 18.20 5.72
N GLU D 239 -35.94 17.18 6.52
CA GLU D 239 -36.55 17.43 7.83
C GLU D 239 -35.62 18.22 8.73
N LYS D 240 -34.36 17.78 8.77
CA LYS D 240 -33.32 18.45 9.52
C LYS D 240 -33.20 19.94 9.19
N TYR D 241 -33.19 20.29 7.91
CA TYR D 241 -32.86 21.66 7.50
C TYR D 241 -34.05 22.60 7.51
N LYS D 242 -35.18 22.10 7.99
CA LYS D 242 -36.34 22.95 8.30
C LYS D 242 -36.16 23.73 9.60
N ASN D 243 -35.31 23.22 10.52
CA ASN D 243 -35.16 23.84 11.84
C ASN D 243 -34.70 25.28 11.68
N SER D 244 -35.09 26.13 12.63
CA SER D 244 -34.59 27.53 12.64
C SER D 244 -33.03 27.64 12.72
N LYS D 245 -32.36 26.63 13.29
CA LYS D 245 -30.91 26.59 13.35
C LYS D 245 -30.37 26.81 11.95
N TYR D 246 -31.08 26.26 10.97
CA TYR D 246 -30.63 26.26 9.59
C TYR D 246 -31.39 27.33 8.79
N HIS D 247 -31.87 28.36 9.50
CA HIS D 247 -32.53 29.52 8.90
C HIS D 247 -33.69 29.06 8.04
N GLY D 248 -34.24 27.90 8.43
CA GLY D 248 -35.24 27.13 7.66
C GLY D 248 -35.00 26.93 6.16
N VAL D 249 -33.74 26.81 5.72
CA VAL D 249 -33.45 26.89 4.26
C VAL D 249 -34.19 25.85 3.40
N SER D 250 -34.28 24.61 3.90
CA SER D 250 -34.89 23.50 3.11
C SER D 250 -36.35 23.75 2.73
N LEU D 251 -36.87 24.89 3.17
CA LEU D 251 -38.15 25.39 2.72
C LEU D 251 -38.10 26.29 1.47
N LEU D 252 -36.92 26.78 1.09
CA LEU D 252 -36.80 27.65 -0.11
C LEU D 252 -37.09 26.88 -1.41
N ASN D 253 -37.56 27.60 -2.43
CA ASN D 253 -37.84 26.99 -3.73
C ASN D 253 -36.58 26.94 -4.58
N PRO D 254 -36.28 25.78 -5.18
CA PRO D 254 -35.13 25.78 -6.08
C PRO D 254 -35.42 26.58 -7.37
N PRO D 255 -34.36 27.13 -7.99
CA PRO D 255 -34.48 27.78 -9.30
C PRO D 255 -34.90 26.79 -10.39
N GLU D 256 -35.59 27.28 -11.42
CA GLU D 256 -36.07 26.44 -12.51
C GLU D 256 -34.92 26.08 -13.47
N THR D 257 -34.08 27.08 -13.77
CA THR D 257 -32.87 26.89 -14.60
C THR D 257 -31.67 27.65 -14.03
N LEU D 258 -30.47 27.28 -14.49
CA LEU D 258 -29.22 27.87 -14.00
C LEU D 258 -28.57 28.93 -14.90
N ASN D 259 -28.84 28.87 -16.21
CA ASN D 259 -28.35 29.87 -17.20
C ASN D 259 -26.85 29.90 -17.43
N HIS E 1 31.32 -29.06 1.10
CA HIS E 1 31.30 -27.63 0.68
C HIS E 1 32.67 -27.14 0.25
N THR E 2 32.73 -26.34 -0.81
CA THR E 2 33.95 -25.64 -1.16
C THR E 2 33.99 -24.31 -0.42
N LEU E 3 32.89 -23.57 -0.51
CA LEU E 3 32.77 -22.33 0.23
C LEU E 3 32.48 -22.71 1.68
N LYS E 4 33.36 -22.29 2.59
CA LYS E 4 33.11 -22.55 3.98
C LYS E 4 32.19 -21.45 4.54
N GLY E 5 31.49 -21.78 5.60
CA GLY E 5 30.73 -20.78 6.36
C GLY E 5 31.57 -19.57 6.72
N ARG E 6 30.93 -18.42 6.65
CA ARG E 6 31.56 -17.16 6.98
C ARG E 6 30.61 -16.20 7.66
N ARG E 7 31.05 -15.68 8.79
CA ARG E 7 30.40 -14.56 9.42
C ARG E 7 30.95 -13.30 8.82
N LEU E 8 30.10 -12.51 8.17
CA LEU E 8 30.54 -11.28 7.59
C LEU E 8 30.89 -10.24 8.62
N VAL E 9 32.03 -9.58 8.38
CA VAL E 9 32.56 -8.51 9.20
C VAL E 9 32.37 -7.17 8.53
N PHE E 10 31.66 -6.30 9.26
CA PHE E 10 31.30 -4.97 8.81
C PHE E 10 31.95 -3.97 9.79
N ASP E 11 33.20 -3.64 9.50
CA ASP E 11 33.91 -2.57 10.19
C ASP E 11 33.44 -1.20 9.76
N ASN E 12 33.80 -0.20 10.55
CA ASN E 12 33.57 1.18 10.16
C ASN E 12 34.60 1.60 9.11
N HIS F 1 -34.05 9.42 25.07
CA HIS F 1 -33.82 9.44 23.59
C HIS F 1 -35.10 9.77 22.83
N THR F 2 -35.06 10.79 21.98
CA THR F 2 -36.15 11.07 21.04
C THR F 2 -36.17 10.01 19.95
N LEU F 3 -35.02 9.84 19.30
CA LEU F 3 -34.83 8.76 18.34
C LEU F 3 -34.73 7.44 19.07
N LYS F 4 -35.66 6.54 18.76
CA LYS F 4 -35.65 5.21 19.30
C LYS F 4 -34.75 4.32 18.46
N GLY F 5 -34.23 3.28 19.10
CA GLY F 5 -33.56 2.19 18.41
C GLY F 5 -34.32 1.71 17.17
N ARG F 6 -33.56 1.35 16.13
CA ARG F 6 -34.11 0.79 14.94
C ARG F 6 -33.14 -0.19 14.29
N ARG F 7 -33.64 -1.39 13.99
CA ARG F 7 -32.98 -2.30 13.09
C ARG F 7 -33.38 -1.95 11.65
N LEU F 8 -32.39 -1.57 10.85
CA LEU F 8 -32.62 -1.20 9.45
C LEU F 8 -32.99 -2.43 8.66
N VAL F 9 -34.01 -2.24 7.83
CA VAL F 9 -34.56 -3.29 6.99
C VAL F 9 -34.16 -3.01 5.58
N PHE F 10 -33.51 -4.01 5.00
CA PHE F 10 -32.96 -3.88 3.68
C PHE F 10 -33.58 -4.95 2.80
N ASP F 11 -34.78 -4.63 2.30
CA ASP F 11 -35.37 -5.34 1.16
C ASP F 11 -34.51 -4.93 -0.04
N ASN F 12 -34.43 -5.72 -1.10
CA ASN F 12 -35.33 -6.84 -1.40
C ASN F 12 -34.59 -8.15 -1.65
#